data_8WSQ
#
_entry.id   8WSQ
#
_cell.length_a   183.656
_cell.length_b   183.656
_cell.length_c   183.656
_cell.angle_alpha   90.000
_cell.angle_beta   90.000
_cell.angle_gamma   90.000
#
_symmetry.space_group_name_H-M   'I 21 3'
#
loop_
_entity.id
_entity.type
_entity.pdbx_description
1 polymer 'Fusion glycoprotein F0'
2 polymer 'RV11-H scFv'
3 polymer 'RV11-L scFv'
#
loop_
_entity_poly.entity_id
_entity_poly.type
_entity_poly.pdbx_seq_one_letter_code
_entity_poly.pdbx_strand_id
1 'polypeptide(L)'
;MELLILKANAITTILTAVTFCFASGQNITEEFYQSTCSAVSKGYLSALRTGWYTSVITIELSNIKENKCNGTDAKVKLIK
QELDKYKNAVTELQLLMQSTPATGSGSAIASGVAVCKVLHLEGEVNKIKSALLSTNKAVVSLSNGVSVLTFKVLDLKNYI
DKQLLPILNKQSCSISNIETVIEFQQKNNRLLEITREFSVNAGVTTPVSTYMLTNSELLSLINDMPITNDQKKLMSNNVQ
IVRQQSYSIMCIIKEEVLAYVVQLPLYGVIDTPCWKLHTSPLCTTNTKEGSNICLTRTDRGWYCDNAGSVSFFPQAETCK
VQSNRVFCDTMNSLTLPSEVNLCNVDIFNPKYDCKIMTSKTDVSSSVITSLGAIVSCYGKTKCTASNKNRGIIKTFSNGC
DYVSNKGVDTVSVGNTLYYVNKQEGKSLYVKGEPIINFYDPLVFPSDEFDASISQVNEKINQSLAFIRKSDELL
;
F
2 'polypeptide(L)'
;QVQLVQSGGGVVQPGRSLRLSCAASGFSFTNYGMHWVRQAPGKGLEWVAVISYDDGSDKYYADSVKGRFTISRDNSKNTL
YLQMNSLRAEDTAVYYCVRDPTGDYGDFPEQDGYYYYYGMDVWGQGTTVTVSS
;
A
3 'polypeptide(L)'
;WVPGSTGDQAVLTQPPSASGTPGQRVTISCSGSSLNIGSNYVYWYQQLPGTAPKFLIYKNNQRPSGVPDRFSGSKSGTSA
SLAISGLRSEDEADYYCAAWDDSLSGVVFGGGTKLTVLGQPKAAPSVTLFPP
;
B
#
# COMPACT_ATOMS: atom_id res chain seq x y z
N GLY A 25 5.04 3.50 11.61
CA GLY A 25 6.33 3.59 10.94
C GLY A 25 6.37 2.69 9.73
N GLN A 26 5.72 1.55 9.89
CA GLN A 26 5.43 0.61 8.81
C GLN A 26 4.24 -0.23 9.29
N ASN A 27 4.10 -1.44 8.78
CA ASN A 27 3.13 -2.37 9.35
C ASN A 27 1.73 -1.83 9.09
N ILE A 28 1.41 -1.64 7.81
CA ILE A 28 0.13 -1.05 7.44
C ILE A 28 -1.01 -1.96 7.88
N THR A 29 -1.96 -1.40 8.61
CA THR A 29 -3.15 -2.10 9.03
C THR A 29 -4.37 -1.46 8.38
N GLU A 30 -5.43 -2.23 8.24
CA GLU A 30 -6.63 -1.75 7.57
C GLU A 30 -7.85 -2.40 8.21
N GLU A 31 -8.80 -1.57 8.63
CA GLU A 31 -10.03 -2.03 9.27
C GLU A 31 -11.22 -1.64 8.40
N PHE A 32 -12.03 -2.62 8.04
CA PHE A 32 -13.29 -2.38 7.33
C PHE A 32 -14.44 -2.42 8.32
N TYR A 33 -15.36 -1.46 8.19
CA TYR A 33 -16.49 -1.33 9.10
C TYR A 33 -17.75 -1.78 8.36
N GLN A 34 -18.30 -2.92 8.79
CA GLN A 34 -19.53 -3.42 8.17
C GLN A 34 -20.69 -2.46 8.38
N SER A 35 -20.62 -1.64 9.43
CA SER A 35 -21.74 -0.77 9.77
C SER A 35 -21.84 0.44 8.84
N THR A 36 -20.72 0.97 8.35
CA THR A 36 -20.72 2.20 7.56
C THR A 36 -20.15 2.01 6.16
N CYS A 37 -19.85 0.77 5.76
CA CYS A 37 -19.33 0.48 4.42
C CYS A 37 -18.11 1.34 4.10
N SER A 38 -17.16 1.36 5.05
CA SER A 38 -15.97 2.17 4.94
C SER A 38 -14.77 1.42 5.51
N ALA A 39 -13.57 1.90 5.16
CA ALA A 39 -12.34 1.29 5.64
C ALA A 39 -11.32 2.37 5.95
N VAL A 40 -10.41 2.06 6.88
CA VAL A 40 -9.35 2.98 7.30
C VAL A 40 -8.03 2.24 7.26
N SER A 41 -7.06 2.81 6.54
CA SER A 41 -5.71 2.25 6.44
C SER A 41 -4.79 3.04 7.37
N LYS A 42 -4.37 2.41 8.46
CA LYS A 42 -3.52 3.05 9.46
C LYS A 42 -2.09 2.54 9.34
N GLY A 43 -1.18 3.26 10.00
CA GLY A 43 0.23 2.89 10.05
C GLY A 43 1.15 3.75 9.21
N TYR A 44 0.62 4.70 8.46
CA TYR A 44 1.45 5.55 7.63
C TYR A 44 2.09 6.67 8.45
N LEU A 45 3.14 7.28 7.89
CA LEU A 45 3.82 8.40 8.51
C LEU A 45 3.72 9.63 7.60
N SER A 46 3.75 10.80 8.23
CA SER A 46 3.44 12.05 7.57
C SER A 46 4.70 12.79 7.11
N ALA A 47 4.52 13.61 6.08
CA ALA A 47 5.50 14.63 5.68
C ALA A 47 4.70 15.76 5.05
N LEU A 48 4.37 16.76 5.86
CA LEU A 48 3.41 17.80 5.48
C LEU A 48 4.15 19.06 5.09
N ARG A 49 3.91 19.54 3.88
CA ARG A 49 4.45 20.83 3.44
C ARG A 49 3.70 21.95 4.15
N THR A 50 4.38 22.62 5.08
CA THR A 50 3.80 23.74 5.81
C THR A 50 4.38 25.08 5.42
N GLY A 51 5.58 25.12 4.82
CA GLY A 51 6.20 26.35 4.42
C GLY A 51 6.94 26.19 3.11
N TRP A 52 7.47 27.31 2.62
CA TRP A 52 8.25 27.35 1.40
C TRP A 52 9.64 27.91 1.70
N TYR A 53 10.63 27.42 0.96
CA TYR A 53 11.96 27.98 0.96
C TYR A 53 12.31 28.42 -0.45
N THR A 54 12.66 29.69 -0.61
CA THR A 54 13.01 30.23 -1.91
C THR A 54 14.52 30.18 -2.11
N SER A 55 14.95 29.62 -3.23
CA SER A 55 16.34 29.63 -3.65
C SER A 55 16.42 30.29 -5.02
N VAL A 56 17.57 30.89 -5.31
CA VAL A 56 17.78 31.64 -6.54
C VAL A 56 18.76 30.85 -7.40
N ILE A 57 18.33 30.53 -8.62
CA ILE A 57 19.14 29.77 -9.57
C ILE A 57 19.53 30.71 -10.70
N THR A 58 20.82 30.74 -11.03
CA THR A 58 21.37 31.77 -11.89
C THR A 58 22.14 31.16 -13.06
N ILE A 59 22.06 31.83 -14.21
CA ILE A 59 22.91 31.57 -15.36
C ILE A 59 23.54 32.89 -15.79
N GLU A 60 24.86 32.91 -15.91
CA GLU A 60 25.57 34.10 -16.34
C GLU A 60 25.73 34.11 -17.86
N LEU A 61 25.46 35.26 -18.46
CA LEU A 61 25.40 35.40 -19.91
C LEU A 61 26.51 36.32 -20.41
N SER A 62 26.91 36.12 -21.66
CA SER A 62 27.88 36.97 -22.33
C SER A 62 27.15 37.99 -23.19
N ASN A 63 27.48 39.27 -23.01
CA ASN A 63 26.82 40.35 -23.71
C ASN A 63 27.66 40.73 -24.93
N ILE A 64 27.08 40.57 -26.12
CA ILE A 64 27.83 40.65 -27.36
C ILE A 64 27.03 41.33 -28.46
N ASP A 73 32.98 29.44 -43.74
CA ASP A 73 33.05 27.99 -43.68
C ASP A 73 31.72 27.41 -43.21
N ALA A 74 31.64 26.07 -43.18
CA ALA A 74 30.56 25.41 -42.47
C ALA A 74 30.85 25.32 -40.97
N LYS A 75 32.12 25.39 -40.58
CA LYS A 75 32.47 25.53 -39.17
C LYS A 75 31.81 26.76 -38.57
N VAL A 76 31.98 27.91 -39.22
CA VAL A 76 31.48 29.17 -38.66
C VAL A 76 29.97 29.26 -38.74
N LYS A 77 29.37 28.72 -39.80
CA LYS A 77 27.92 28.80 -39.93
C LYS A 77 27.22 28.01 -38.84
N LEU A 78 27.82 26.90 -38.39
CA LEU A 78 27.27 26.20 -37.23
C LEU A 78 27.38 27.05 -35.97
N ILE A 79 28.50 27.75 -35.81
CA ILE A 79 28.62 28.72 -34.71
C ILE A 79 27.63 29.86 -34.90
N LYS A 80 27.47 30.33 -36.14
CA LYS A 80 26.51 31.41 -36.41
C LYS A 80 25.10 31.01 -35.98
N GLN A 81 24.64 29.84 -36.43
CA GLN A 81 23.29 29.40 -36.07
C GLN A 81 23.17 29.17 -34.57
N GLU A 82 24.18 28.55 -33.96
CA GLU A 82 24.10 28.26 -32.53
C GLU A 82 24.17 29.53 -31.70
N LEU A 83 24.93 30.53 -32.16
CA LEU A 83 24.90 31.82 -31.49
C LEU A 83 23.58 32.54 -31.70
N ASP A 84 22.96 32.37 -32.87
CA ASP A 84 21.62 32.91 -33.09
C ASP A 84 20.62 32.27 -32.14
N LYS A 85 20.76 30.96 -31.90
CA LYS A 85 19.90 30.29 -30.93
C LYS A 85 20.12 30.84 -29.53
N TYR A 86 21.38 31.18 -29.19
CA TYR A 86 21.68 31.69 -27.86
C TYR A 86 21.01 33.05 -27.62
N LYS A 87 21.20 34.00 -28.55
CA LYS A 87 20.68 35.34 -28.34
C LYS A 87 19.17 35.41 -28.53
N ASN A 88 18.62 34.58 -29.41
CA ASN A 88 17.17 34.54 -29.56
C ASN A 88 16.50 34.10 -28.26
N ALA A 89 17.11 33.16 -27.55
CA ALA A 89 16.56 32.71 -26.28
C ALA A 89 16.64 33.80 -25.22
N VAL A 90 17.71 34.59 -25.25
CA VAL A 90 17.85 35.68 -24.27
C VAL A 90 16.76 36.72 -24.47
N THR A 91 16.58 37.17 -25.71
CA THR A 91 15.52 38.14 -26.00
C THR A 91 14.15 37.55 -25.71
N GLU A 92 13.97 36.25 -25.94
CA GLU A 92 12.72 35.59 -25.61
C GLU A 92 12.43 35.67 -24.13
N LEU A 93 13.43 35.41 -23.29
CA LEU A 93 13.25 35.52 -21.86
C LEU A 93 13.10 36.97 -21.42
N GLN A 94 13.79 37.89 -22.08
CA GLN A 94 13.64 39.31 -21.76
C GLN A 94 12.22 39.79 -22.03
N LEU A 95 11.61 39.30 -23.11
CA LEU A 95 10.21 39.61 -23.36
C LEU A 95 9.29 39.00 -22.30
N LEU A 96 9.67 37.84 -21.76
CA LEU A 96 8.82 37.16 -20.80
C LEU A 96 8.85 37.81 -19.43
N MET A 97 9.95 38.47 -19.07
CA MET A 97 10.10 39.01 -17.72
C MET A 97 9.35 40.33 -17.51
N GLN A 98 8.62 40.81 -18.51
CA GLN A 98 8.03 42.16 -18.46
C GLN A 98 6.81 42.12 -17.54
N SER A 99 7.06 42.29 -16.24
CA SER A 99 6.01 42.36 -15.21
C SER A 99 5.08 41.16 -15.24
N THR A 100 5.67 39.97 -15.35
CA THR A 100 4.91 38.72 -15.52
C THR A 100 4.40 38.01 -14.25
N PRO A 101 5.24 37.74 -13.23
CA PRO A 101 5.00 36.56 -12.36
C PRO A 101 3.63 36.43 -11.71
N ALA A 102 2.89 35.38 -12.08
CA ALA A 102 1.67 34.91 -11.41
C ALA A 102 1.17 33.64 -12.07
N THR A 103 0.61 32.73 -11.26
CA THR A 103 -0.08 31.54 -11.76
C THR A 103 -1.16 31.07 -10.79
N GLY A 104 -2.32 30.72 -11.35
CA GLY A 104 -3.38 30.06 -10.62
C GLY A 104 -4.12 30.98 -9.66
N SER A 105 -3.45 32.04 -9.22
CA SER A 105 -3.96 32.99 -8.23
C SER A 105 -4.41 32.28 -6.95
N GLY A 106 -3.91 31.06 -6.72
CA GLY A 106 -3.96 30.48 -5.40
C GLY A 106 -2.92 31.04 -4.46
N SER A 107 -2.11 31.98 -4.96
CA SER A 107 -1.04 32.62 -4.19
C SER A 107 -0.07 31.58 -3.65
N ALA A 108 0.22 30.56 -4.46
CA ALA A 108 1.16 29.52 -4.05
C ALA A 108 2.60 29.98 -4.24
N ILE A 109 2.88 30.69 -5.33
CA ILE A 109 4.23 31.16 -5.63
C ILE A 109 4.41 32.56 -5.10
N ALA A 110 3.53 32.96 -4.17
CA ALA A 110 3.61 34.30 -3.60
C ALA A 110 4.92 34.53 -2.87
N SER A 111 5.38 33.53 -2.11
CA SER A 111 6.65 33.68 -1.40
C SER A 111 7.82 33.82 -2.37
N GLY A 112 7.83 33.01 -3.43
CA GLY A 112 8.90 33.13 -4.42
C GLY A 112 8.87 34.44 -5.18
N VAL A 113 7.68 34.89 -5.57
CA VAL A 113 7.54 36.15 -6.30
C VAL A 113 8.01 37.32 -5.45
N ALA A 114 7.79 37.25 -4.13
CA ALA A 114 8.25 38.31 -3.26
C ALA A 114 9.77 38.47 -3.34
N VAL A 115 10.51 37.36 -3.40
CA VAL A 115 11.94 37.44 -3.62
C VAL A 115 12.24 38.00 -5.02
N CYS A 116 11.39 37.66 -5.99
CA CYS A 116 11.62 38.11 -7.36
C CYS A 116 11.55 39.62 -7.48
N LYS A 117 10.55 40.24 -6.85
CA LYS A 117 10.43 41.69 -6.91
C LYS A 117 11.60 42.37 -6.21
N VAL A 118 12.19 41.70 -5.22
CA VAL A 118 13.35 42.23 -4.54
C VAL A 118 14.59 42.14 -5.41
N LEU A 119 14.71 41.06 -6.19
CA LEU A 119 15.85 40.89 -7.09
C LEU A 119 15.87 41.96 -8.16
N HIS A 120 14.76 42.67 -8.36
CA HIS A 120 14.65 43.71 -9.37
C HIS A 120 15.22 45.05 -8.90
N LEU A 121 15.84 45.09 -7.73
CA LEU A 121 16.31 46.31 -7.11
C LEU A 121 17.81 46.50 -7.38
N GLU A 122 18.30 47.71 -7.08
CA GLU A 122 19.49 48.26 -7.72
C GLU A 122 20.68 47.31 -7.71
N GLY A 123 21.15 46.93 -6.53
CA GLY A 123 22.35 46.12 -6.44
C GLY A 123 22.11 44.73 -5.92
N GLU A 124 20.86 44.28 -5.96
CA GLU A 124 20.53 42.99 -5.37
C GLU A 124 21.02 41.83 -6.22
N VAL A 125 20.91 41.94 -7.55
CA VAL A 125 21.48 40.92 -8.41
C VAL A 125 23.00 40.97 -8.34
N ASN A 126 23.57 42.15 -8.12
CA ASN A 126 25.02 42.25 -8.03
C ASN A 126 25.57 41.54 -6.80
N LYS A 127 24.80 41.53 -5.70
CA LYS A 127 25.21 40.75 -4.53
C LYS A 127 25.30 39.27 -4.87
N ILE A 128 24.30 38.76 -5.59
CA ILE A 128 24.31 37.36 -6.02
C ILE A 128 25.48 37.11 -6.96
N LYS A 129 25.73 38.01 -7.90
CA LYS A 129 26.84 37.83 -8.83
C LYS A 129 28.19 37.87 -8.13
N SER A 130 28.33 38.71 -7.09
CA SER A 130 29.60 38.82 -6.39
C SER A 130 29.96 37.53 -5.68
N ALA A 131 29.01 36.96 -4.92
CA ALA A 131 29.29 35.76 -4.14
C ALA A 131 29.58 34.55 -5.03
N LEU A 132 28.97 34.49 -6.22
CA LEU A 132 29.10 33.34 -7.09
C LEU A 132 30.27 33.43 -8.06
N LEU A 133 31.20 34.35 -7.84
CA LEU A 133 32.39 34.39 -8.69
C LEU A 133 33.33 33.25 -8.29
N SER A 134 33.71 32.44 -9.28
CA SER A 134 34.59 31.28 -9.07
C SER A 134 34.00 30.29 -8.07
N THR A 135 32.70 30.08 -8.15
CA THR A 135 32.05 29.03 -7.36
C THR A 135 30.72 28.69 -8.02
N ASN A 136 30.12 27.59 -7.56
CA ASN A 136 28.84 27.11 -8.07
C ASN A 136 27.65 27.53 -7.21
N LYS A 137 27.87 27.80 -5.93
CA LYS A 137 26.76 28.04 -5.00
C LYS A 137 27.25 28.97 -3.90
N ALA A 138 26.28 29.66 -3.27
CA ALA A 138 26.60 30.67 -2.27
C ALA A 138 25.32 31.09 -1.55
N VAL A 139 25.49 31.53 -0.29
CA VAL A 139 24.42 32.12 0.50
C VAL A 139 24.53 33.65 0.39
N VAL A 140 23.42 34.30 0.11
CA VAL A 140 23.35 35.75 0.02
C VAL A 140 22.23 36.25 0.91
N SER A 141 22.50 37.32 1.66
CA SER A 141 21.48 37.99 2.45
C SER A 141 21.07 39.26 1.69
N LEU A 142 19.84 39.30 1.25
CA LEU A 142 19.35 40.46 0.50
C LEU A 142 19.19 41.60 1.49
N SER A 143 18.96 42.82 1.03
CA SER A 143 18.89 43.97 1.94
C SER A 143 17.57 43.97 2.69
N ASN A 144 16.78 42.91 2.58
CA ASN A 144 15.49 42.76 3.29
C ASN A 144 15.77 41.87 4.48
N GLY A 145 16.96 41.30 4.51
CA GLY A 145 17.33 40.36 5.59
C GLY A 145 17.20 38.93 5.14
N VAL A 146 16.48 38.70 4.05
CA VAL A 146 16.20 37.31 3.61
C VAL A 146 17.46 36.66 3.07
N SER A 147 17.95 35.65 3.77
CA SER A 147 19.08 34.87 3.28
C SER A 147 18.59 33.85 2.26
N VAL A 148 19.14 33.89 1.05
CA VAL A 148 18.76 32.99 -0.03
C VAL A 148 19.95 32.13 -0.41
N LEU A 149 19.70 30.85 -0.63
CA LEU A 149 20.70 29.94 -1.17
C LEU A 149 20.75 30.11 -2.68
N THR A 150 21.91 30.52 -3.19
CA THR A 150 22.04 30.87 -4.60
C THR A 150 22.95 29.87 -5.30
N PHE A 151 22.65 29.56 -6.56
CA PHE A 151 23.37 28.57 -7.32
C PHE A 151 23.61 29.08 -8.73
N LYS A 152 24.79 28.81 -9.29
CA LYS A 152 25.13 29.13 -10.67
C LYS A 152 25.29 27.81 -11.42
N VAL A 153 24.24 27.44 -12.16
CA VAL A 153 24.20 26.14 -12.84
C VAL A 153 24.85 26.15 -14.22
N LEU A 154 25.21 27.31 -14.74
CA LEU A 154 25.74 27.39 -16.10
C LEU A 154 26.47 28.71 -16.27
N ASP A 155 27.65 28.65 -16.88
CA ASP A 155 28.50 29.82 -17.10
C ASP A 155 28.74 29.97 -18.60
N LEU A 156 27.88 30.73 -19.27
CA LEU A 156 28.05 31.02 -20.68
C LEU A 156 28.93 32.25 -20.93
N LYS A 157 29.08 33.12 -19.92
CA LYS A 157 30.02 34.22 -20.04
C LYS A 157 31.45 33.70 -20.12
N ASN A 158 31.87 32.94 -19.10
CA ASN A 158 33.22 32.40 -19.07
C ASN A 158 33.46 31.32 -20.11
N TYR A 159 32.47 31.01 -20.96
CA TYR A 159 32.70 30.19 -22.14
C TYR A 159 32.71 31.02 -23.42
N ILE A 160 31.65 31.80 -23.67
CA ILE A 160 31.61 32.61 -24.87
C ILE A 160 32.71 33.67 -24.84
N ASP A 161 32.91 34.31 -23.69
CA ASP A 161 33.86 35.41 -23.60
C ASP A 161 35.31 34.96 -23.45
N LYS A 162 35.57 33.66 -23.30
CA LYS A 162 36.95 33.19 -23.14
C LYS A 162 37.40 32.14 -24.13
N GLN A 163 36.50 31.34 -24.73
CA GLN A 163 36.90 30.41 -25.77
C GLN A 163 36.22 30.63 -27.12
N LEU A 164 35.06 31.26 -27.17
CA LEU A 164 34.32 31.29 -28.43
C LEU A 164 34.52 32.60 -29.21
N LEU A 165 34.46 33.75 -28.54
CA LEU A 165 34.76 35.03 -29.18
C LEU A 165 36.22 35.17 -29.57
N PRO A 166 37.19 34.62 -28.79
CA PRO A 166 38.61 34.70 -29.21
C PRO A 166 38.90 34.22 -30.62
N ILE A 167 37.94 33.61 -31.30
CA ILE A 167 38.13 33.23 -32.68
C ILE A 167 37.06 33.91 -33.53
N CYS A 173 33.45 36.13 -37.87
CA CYS A 173 33.78 35.27 -39.00
C CYS A 173 35.28 34.93 -39.03
N SER A 174 35.59 33.64 -38.96
CA SER A 174 36.96 33.12 -38.96
C SER A 174 36.93 31.63 -39.33
N ILE A 175 37.92 30.88 -38.83
CA ILE A 175 38.07 29.45 -39.02
C ILE A 175 38.04 28.76 -37.65
N SER A 176 37.80 27.45 -37.64
CA SER A 176 37.79 26.71 -36.37
C SER A 176 37.88 25.21 -36.63
N ASN A 177 37.94 24.45 -35.54
CA ASN A 177 37.85 22.99 -35.56
C ASN A 177 36.52 22.53 -34.97
N ILE A 178 35.93 21.50 -35.57
CA ILE A 178 34.51 21.22 -35.39
C ILE A 178 34.15 20.84 -33.97
N GLU A 179 35.08 20.34 -33.18
CA GLU A 179 34.76 19.90 -31.83
C GLU A 179 34.57 21.07 -30.86
N THR A 180 34.73 22.32 -31.32
CA THR A 180 34.18 23.45 -30.58
C THR A 180 32.70 23.66 -30.88
N VAL A 181 32.26 23.30 -32.08
CA VAL A 181 30.84 23.38 -32.41
C VAL A 181 30.04 22.46 -31.49
N ILE A 182 30.51 21.22 -31.31
CA ILE A 182 29.85 20.27 -30.43
C ILE A 182 29.82 20.82 -29.00
N GLU A 183 30.96 21.35 -28.54
CA GLU A 183 31.05 21.81 -27.16
C GLU A 183 30.14 22.98 -26.88
N PHE A 184 30.01 23.91 -27.83
CA PHE A 184 29.09 25.03 -27.66
C PHE A 184 27.64 24.57 -27.69
N GLN A 185 27.33 23.57 -28.52
CA GLN A 185 25.96 23.04 -28.56
C GLN A 185 25.59 22.38 -27.24
N GLN A 186 26.52 21.66 -26.63
CA GLN A 186 26.21 20.99 -25.36
C GLN A 186 25.95 21.99 -24.24
N LYS A 187 26.76 23.04 -24.15
CA LYS A 187 26.57 24.02 -23.08
C LYS A 187 25.32 24.86 -23.30
N ASN A 188 25.10 25.32 -24.53
CA ASN A 188 23.94 26.16 -24.82
C ASN A 188 22.62 25.41 -24.72
N ASN A 189 22.65 24.08 -24.69
CA ASN A 189 21.42 23.30 -24.72
C ASN A 189 20.54 23.58 -23.50
N ARG A 190 21.14 23.64 -22.32
CA ARG A 190 20.35 23.82 -21.11
C ARG A 190 19.63 25.17 -21.12
N LEU A 191 20.31 26.22 -21.55
CA LEU A 191 19.67 27.53 -21.65
C LEU A 191 18.47 27.46 -22.60
N LEU A 192 18.65 26.81 -23.75
CA LEU A 192 17.55 26.68 -24.70
C LEU A 192 16.40 25.89 -24.11
N GLU A 193 16.70 24.78 -23.43
CA GLU A 193 15.65 23.95 -22.87
C GLU A 193 14.94 24.62 -21.70
N ILE A 194 15.66 25.43 -20.92
CA ILE A 194 15.02 26.18 -19.85
C ILE A 194 14.10 27.25 -20.42
N THR A 195 14.52 27.90 -21.51
CA THR A 195 13.63 28.82 -22.21
C THR A 195 12.44 28.09 -22.81
N ARG A 196 12.63 26.83 -23.22
CA ARG A 196 11.53 26.05 -23.76
C ARG A 196 10.40 25.93 -22.74
N GLU A 197 10.74 25.51 -21.51
CA GLU A 197 9.73 25.30 -20.48
C GLU A 197 9.06 26.61 -20.08
N PHE A 198 9.84 27.68 -19.92
CA PHE A 198 9.28 28.93 -19.41
C PHE A 198 8.27 29.52 -20.40
N SER A 199 8.54 29.40 -21.70
CA SER A 199 7.64 29.99 -22.69
C SER A 199 6.28 29.32 -22.69
N VAL A 200 6.24 27.98 -22.54
CA VAL A 200 4.97 27.26 -22.61
C VAL A 200 4.22 27.26 -21.28
N ASN A 201 4.86 27.61 -20.18
CA ASN A 201 4.20 27.63 -18.88
C ASN A 201 4.08 29.05 -18.31
N ALA A 202 4.26 30.07 -19.16
CA ALA A 202 4.08 31.47 -18.78
C ALA A 202 4.98 31.86 -17.60
N GLY A 203 6.21 31.34 -17.60
CA GLY A 203 7.22 31.74 -16.64
C GLY A 203 7.22 31.01 -15.32
N VAL A 204 6.23 30.16 -15.05
CA VAL A 204 6.16 29.38 -13.81
C VAL A 204 5.89 27.92 -14.17
N THR A 205 6.76 27.03 -13.71
CA THR A 205 6.67 25.60 -14.03
C THR A 205 6.61 24.78 -12.77
N THR A 206 5.73 23.78 -12.76
CA THR A 206 5.67 22.77 -11.73
C THR A 206 5.17 21.49 -12.36
N PRO A 207 5.75 20.32 -12.04
CA PRO A 207 6.91 20.13 -11.16
C PRO A 207 8.22 20.65 -11.76
N VAL A 208 9.28 20.64 -10.96
CA VAL A 208 10.56 21.22 -11.37
C VAL A 208 11.36 20.16 -12.11
N SER A 209 11.75 20.47 -13.34
CA SER A 209 12.43 19.50 -14.19
C SER A 209 13.92 19.43 -13.86
N THR A 210 14.57 18.40 -14.39
CA THR A 210 16.02 18.32 -14.30
C THR A 210 16.72 19.40 -15.11
N TYR A 211 16.01 20.02 -16.05
CA TYR A 211 16.56 21.18 -16.76
C TYR A 211 16.69 22.38 -15.82
N MET A 212 15.63 22.65 -15.04
CA MET A 212 15.68 23.75 -14.09
C MET A 212 16.68 23.47 -12.99
N LEU A 213 16.74 22.22 -12.51
CA LEU A 213 17.56 21.88 -11.36
C LEU A 213 17.83 20.37 -11.42
N THR A 214 19.09 20.00 -11.67
CA THR A 214 19.45 18.61 -11.71
C THR A 214 19.42 18.01 -10.32
N ASN A 215 19.42 16.67 -10.26
CA ASN A 215 19.48 16.00 -8.96
C ASN A 215 20.70 16.43 -8.17
N SER A 216 21.85 16.54 -8.84
CA SER A 216 23.06 16.99 -8.16
C SER A 216 22.87 18.37 -7.56
N GLU A 217 22.30 19.29 -8.34
CA GLU A 217 22.12 20.66 -7.87
C GLU A 217 21.06 20.73 -6.78
N LEU A 218 19.98 19.96 -6.92
CA LEU A 218 18.92 19.98 -5.92
C LEU A 218 19.38 19.33 -4.62
N LEU A 219 20.11 18.23 -4.71
CA LEU A 219 20.64 17.58 -3.51
C LEU A 219 21.61 18.50 -2.78
N SER A 220 22.41 19.26 -3.52
CA SER A 220 23.29 20.25 -2.90
C SER A 220 22.47 21.34 -2.20
N LEU A 221 21.39 21.81 -2.83
CA LEU A 221 20.55 22.82 -2.22
C LEU A 221 19.88 22.30 -0.95
N ILE A 222 19.42 21.05 -0.97
CA ILE A 222 18.80 20.45 0.21
C ILE A 222 19.80 20.38 1.35
N ASN A 223 21.06 20.07 1.02
CA ASN A 223 22.08 19.88 2.05
C ASN A 223 22.32 21.13 2.88
N ASP A 224 22.09 22.31 2.31
CA ASP A 224 22.48 23.56 2.96
C ASP A 224 21.30 24.42 3.42
N MET A 225 20.09 24.18 2.94
CA MET A 225 18.94 24.94 3.40
C MET A 225 18.66 24.61 4.86
N PRO A 226 18.20 25.60 5.65
CA PRO A 226 18.16 25.45 7.12
C PRO A 226 17.03 24.57 7.65
N ILE A 227 17.29 23.26 7.67
CA ILE A 227 16.29 22.27 8.08
C ILE A 227 16.96 21.21 8.94
N THR A 228 16.13 20.39 9.57
CA THR A 228 16.60 19.32 10.44
C THR A 228 17.39 18.30 9.63
N ASN A 229 18.35 17.64 10.29
CA ASN A 229 19.04 16.51 9.66
C ASN A 229 18.05 15.47 9.17
N ASP A 230 16.94 15.29 9.89
CA ASP A 230 15.90 14.38 9.43
C ASP A 230 15.21 14.93 8.18
N GLN A 231 14.93 16.24 8.15
CA GLN A 231 14.30 16.83 6.97
C GLN A 231 15.21 16.73 5.75
N LYS A 232 16.52 16.94 5.93
CA LYS A 232 17.44 16.78 4.81
C LYS A 232 17.47 15.34 4.33
N LYS A 233 17.46 14.39 5.26
CA LYS A 233 17.42 12.97 4.87
C LYS A 233 16.13 12.65 4.13
N LEU A 234 15.01 13.16 4.62
CA LEU A 234 13.72 12.86 3.99
C LEU A 234 13.65 13.41 2.58
N MET A 235 14.06 14.66 2.39
CA MET A 235 14.00 15.28 1.08
C MET A 235 14.96 14.60 0.11
N SER A 236 16.16 14.25 0.57
CA SER A 236 17.17 13.70 -0.32
C SER A 236 16.81 12.29 -0.81
N ASN A 237 16.05 11.54 -0.02
CA ASN A 237 15.63 10.21 -0.45
C ASN A 237 14.40 10.25 -1.36
N ASN A 238 13.76 11.41 -1.50
CA ASN A 238 12.51 11.54 -2.26
C ASN A 238 12.55 12.80 -3.12
N VAL A 239 13.67 13.02 -3.82
CA VAL A 239 13.80 14.22 -4.64
C VAL A 239 12.71 14.28 -5.69
N GLN A 240 12.24 13.12 -6.18
CA GLN A 240 11.17 13.11 -7.16
C GLN A 240 9.89 13.71 -6.59
N ILE A 241 9.59 13.43 -5.32
CA ILE A 241 8.43 14.03 -4.67
C ILE A 241 8.67 15.51 -4.41
N VAL A 242 9.90 15.87 -4.03
CA VAL A 242 10.24 17.26 -3.83
C VAL A 242 9.99 18.05 -5.10
N ARG A 243 10.32 17.47 -6.26
CA ARG A 243 10.03 18.11 -7.53
C ARG A 243 8.54 18.31 -7.73
N GLN A 244 7.73 17.31 -7.34
CA GLN A 244 6.29 17.40 -7.53
C GLN A 244 5.70 18.60 -6.79
N GLN A 245 6.25 18.92 -5.62
CA GLN A 245 5.74 19.97 -4.76
C GLN A 245 6.63 21.21 -4.74
N SER A 246 7.22 21.53 -5.88
CA SER A 246 8.10 22.68 -6.01
C SER A 246 7.71 23.49 -7.23
N TYR A 247 8.19 24.74 -7.27
CA TYR A 247 7.92 25.66 -8.37
C TYR A 247 9.22 26.27 -8.86
N SER A 248 9.27 26.54 -10.16
CA SER A 248 10.36 27.29 -10.78
C SER A 248 9.79 28.54 -11.43
N ILE A 249 10.20 29.70 -10.94
CA ILE A 249 9.61 30.98 -11.33
C ILE A 249 10.68 31.79 -12.07
N MET A 250 10.39 32.14 -13.32
CA MET A 250 11.27 33.05 -14.06
C MET A 250 11.18 34.45 -13.49
N CYS A 251 12.35 35.06 -13.24
CA CYS A 251 12.38 36.34 -12.53
C CYS A 251 12.90 37.49 -13.37
N ILE A 252 14.14 37.43 -13.85
CA ILE A 252 14.82 38.65 -14.29
C ILE A 252 16.03 38.28 -15.13
N ILE A 253 16.32 39.13 -16.12
CA ILE A 253 17.60 39.15 -16.83
C ILE A 253 18.09 40.59 -16.74
N LYS A 254 19.06 40.84 -15.86
CA LYS A 254 19.69 42.14 -15.76
C LYS A 254 21.16 41.95 -15.42
N GLU A 255 21.99 42.85 -15.95
CA GLU A 255 23.43 42.86 -15.67
C GLU A 255 24.06 41.50 -15.93
N GLU A 256 23.65 40.88 -17.03
CA GLU A 256 24.31 39.71 -17.58
C GLU A 256 24.21 38.50 -16.65
N VAL A 257 23.10 38.44 -15.90
CA VAL A 257 22.75 37.31 -15.06
C VAL A 257 21.32 36.89 -15.39
N LEU A 258 21.12 35.60 -15.65
CA LEU A 258 19.78 35.02 -15.83
C LEU A 258 19.42 34.31 -14.53
N ALA A 259 18.43 34.85 -13.82
CA ALA A 259 18.05 34.35 -12.51
C ALA A 259 16.59 33.92 -12.51
N TYR A 260 16.32 32.73 -11.97
CA TYR A 260 14.96 32.30 -11.69
C TYR A 260 14.91 31.71 -10.29
N VAL A 261 13.73 31.79 -9.68
CA VAL A 261 13.53 31.39 -8.29
C VAL A 261 12.87 30.01 -8.27
N VAL A 262 13.50 29.07 -7.56
CA VAL A 262 12.96 27.74 -7.36
C VAL A 262 12.44 27.66 -5.94
N GLN A 263 11.13 27.42 -5.80
CA GLN A 263 10.43 27.51 -4.52
C GLN A 263 10.26 26.10 -3.97
N LEU A 264 11.15 25.73 -3.04
CA LEU A 264 11.29 24.40 -2.45
C LEU A 264 10.35 24.22 -1.26
N PRO A 265 9.81 23.02 -1.07
CA PRO A 265 8.89 22.79 0.05
C PRO A 265 9.62 22.65 1.38
N LEU A 266 8.96 23.13 2.43
CA LEU A 266 9.41 22.93 3.80
C LEU A 266 8.42 22.01 4.50
N TYR A 267 8.90 20.85 4.92
CA TYR A 267 8.07 19.85 5.59
C TYR A 267 8.26 20.03 7.09
N GLY A 268 7.44 20.90 7.69
CA GLY A 268 7.54 21.20 9.10
C GLY A 268 6.87 20.20 10.02
N VAL A 269 6.13 19.24 9.46
CA VAL A 269 5.47 18.19 10.24
C VAL A 269 5.92 16.84 9.67
N ILE A 270 6.60 16.05 10.50
CA ILE A 270 7.24 14.81 10.07
C ILE A 270 6.89 13.71 11.04
N ASP A 271 6.74 12.49 10.51
CA ASP A 271 6.64 11.25 11.29
C ASP A 271 5.39 11.18 12.15
N THR A 272 4.35 11.97 11.83
CA THR A 272 3.13 11.81 12.61
C THR A 272 2.21 10.80 11.93
N PRO A 273 1.33 10.15 12.69
CA PRO A 273 0.46 9.13 12.10
C PRO A 273 -0.44 9.70 11.01
N CYS A 274 -0.61 8.92 9.94
CA CYS A 274 -1.57 9.23 8.88
C CYS A 274 -2.46 8.02 8.66
N TRP A 275 -3.65 8.28 8.12
CA TRP A 275 -4.54 7.19 7.77
C TRP A 275 -5.48 7.64 6.65
N LYS A 276 -5.80 6.73 5.77
CA LYS A 276 -6.65 6.98 4.62
C LYS A 276 -8.01 6.34 4.82
N LEU A 277 -9.07 7.08 4.49
CA LEU A 277 -10.44 6.61 4.65
C LEU A 277 -11.02 6.30 3.27
N HIS A 278 -11.52 5.08 3.12
CA HIS A 278 -12.18 4.63 1.89
C HIS A 278 -13.66 4.45 2.17
N THR A 279 -14.51 4.93 1.26
CA THR A 279 -15.94 4.93 1.47
C THR A 279 -16.66 4.37 0.25
N SER A 280 -17.78 3.69 0.50
CA SER A 280 -18.58 3.07 -0.55
C SER A 280 -20.04 3.12 -0.12
N PRO A 281 -20.97 3.18 -1.06
CA PRO A 281 -22.40 3.27 -0.70
C PRO A 281 -22.87 2.06 0.10
N LEU A 282 -23.74 2.32 1.09
CA LEU A 282 -24.35 1.29 1.91
C LEU A 282 -25.86 1.37 1.71
N CYS A 283 -26.44 0.34 1.11
CA CYS A 283 -27.85 0.33 0.75
C CYS A 283 -28.55 -0.85 1.41
N THR A 284 -29.87 -0.71 1.56
CA THR A 284 -30.69 -1.84 1.94
C THR A 284 -30.83 -2.80 0.75
N THR A 285 -31.28 -4.02 1.03
CA THR A 285 -31.37 -5.07 0.03
C THR A 285 -32.77 -5.65 -0.03
N ASN A 286 -33.78 -4.78 -0.07
CA ASN A 286 -35.13 -5.24 -0.38
C ASN A 286 -35.15 -5.81 -1.80
N THR A 287 -35.93 -6.88 -1.99
CA THR A 287 -35.88 -7.62 -3.24
C THR A 287 -36.32 -6.76 -4.42
N LYS A 288 -37.38 -5.98 -4.25
CA LYS A 288 -37.95 -5.21 -5.34
C LYS A 288 -37.05 -4.03 -5.68
N GLU A 289 -36.74 -3.87 -6.97
CA GLU A 289 -35.87 -2.79 -7.40
C GLU A 289 -36.54 -1.43 -7.22
N GLY A 290 -35.80 -0.48 -6.65
CA GLY A 290 -36.31 0.84 -6.38
C GLY A 290 -36.83 1.05 -4.98
N SER A 291 -37.05 -0.04 -4.22
CA SER A 291 -37.59 0.04 -2.87
C SER A 291 -36.50 0.16 -1.82
N ASN A 292 -35.29 0.57 -2.20
CA ASN A 292 -34.15 0.58 -1.29
C ASN A 292 -33.63 2.01 -1.11
N ILE A 293 -33.03 2.23 0.07
CA ILE A 293 -32.48 3.52 0.45
C ILE A 293 -30.98 3.35 0.71
N CYS A 294 -30.20 4.35 0.33
CA CYS A 294 -28.75 4.26 0.37
C CYS A 294 -28.14 5.36 1.23
N LEU A 295 -26.85 5.20 1.52
CA LEU A 295 -26.14 6.06 2.45
C LEU A 295 -24.66 5.91 2.19
N THR A 296 -23.93 7.03 2.18
CA THR A 296 -22.50 7.01 1.86
C THR A 296 -21.77 8.07 2.66
N ARG A 297 -20.70 7.67 3.34
CA ARG A 297 -19.85 8.63 4.02
C ARG A 297 -19.09 9.48 3.01
N THR A 298 -19.01 10.79 3.29
CA THR A 298 -18.45 11.75 2.35
C THR A 298 -17.07 12.24 2.73
N ASP A 299 -16.52 11.80 3.86
CA ASP A 299 -15.28 12.35 4.39
C ASP A 299 -14.04 11.56 3.95
N ARG A 300 -14.08 10.94 2.76
CA ARG A 300 -12.95 10.13 2.29
C ARG A 300 -11.75 11.01 1.98
N GLY A 301 -10.57 10.40 2.06
CA GLY A 301 -9.32 11.08 1.80
C GLY A 301 -8.29 10.72 2.85
N TRP A 302 -7.23 11.51 2.93
CA TRP A 302 -6.13 11.30 3.86
C TRP A 302 -6.31 12.15 5.11
N TYR A 303 -5.96 11.59 6.25
CA TYR A 303 -5.96 12.29 7.54
C TYR A 303 -4.60 12.12 8.19
N CYS A 304 -4.09 13.19 8.79
CA CYS A 304 -2.78 13.13 9.44
C CYS A 304 -2.79 14.00 10.69
N ASP A 305 -2.12 13.52 11.74
CA ASP A 305 -2.04 14.25 12.99
C ASP A 305 -1.14 15.47 12.82
N ASN A 306 -1.61 16.62 13.32
CA ASN A 306 -0.84 17.87 13.19
C ASN A 306 -1.14 18.76 14.40
N ALA A 307 -0.30 18.65 15.42
CA ALA A 307 -0.27 19.57 16.55
C ALA A 307 -1.63 19.68 17.25
N GLY A 308 -2.11 18.54 17.73
CA GLY A 308 -3.33 18.50 18.51
C GLY A 308 -4.61 18.46 17.71
N SER A 309 -4.55 18.74 16.42
CA SER A 309 -5.69 18.62 15.51
C SER A 309 -5.36 17.57 14.45
N VAL A 310 -6.28 17.40 13.50
CA VAL A 310 -6.11 16.48 12.40
C VAL A 310 -6.21 17.25 11.10
N SER A 311 -5.19 17.11 10.25
CA SER A 311 -5.20 17.72 8.92
C SER A 311 -5.84 16.77 7.92
N PHE A 312 -6.85 17.26 7.21
CA PHE A 312 -7.60 16.45 6.25
C PHE A 312 -7.36 16.99 4.85
N PHE A 313 -7.12 16.08 3.90
CA PHE A 313 -6.82 16.42 2.51
C PHE A 313 -7.87 15.78 1.63
N PRO A 314 -8.99 16.44 1.39
CA PRO A 314 -10.09 15.81 0.64
C PRO A 314 -9.73 15.46 -0.80
N GLN A 315 -8.72 16.11 -1.37
CA GLN A 315 -8.29 15.85 -2.75
C GLN A 315 -7.04 14.99 -2.70
N ALA A 316 -7.20 13.68 -2.82
CA ALA A 316 -6.09 12.75 -2.82
C ALA A 316 -5.08 13.05 -3.94
N GLU A 317 -5.44 13.93 -4.86
CA GLU A 317 -4.48 14.50 -5.80
C GLU A 317 -3.29 15.12 -5.08
N THR A 318 -3.54 15.85 -4.00
CA THR A 318 -2.53 16.66 -3.34
C THR A 318 -1.57 15.85 -2.46
N CYS A 319 -1.78 14.55 -2.32
CA CYS A 319 -0.94 13.72 -1.48
C CYS A 319 -0.21 12.69 -2.33
N LYS A 320 1.07 12.47 -2.01
CA LYS A 320 1.91 11.49 -2.68
C LYS A 320 2.39 10.47 -1.66
N VAL A 321 2.33 9.19 -2.04
CA VAL A 321 2.52 8.09 -1.11
C VAL A 321 3.74 7.29 -1.55
N GLN A 322 4.70 7.13 -0.65
CA GLN A 322 5.89 6.31 -0.87
C GLN A 322 5.86 5.06 0.00
N SER A 323 4.67 4.44 0.06
CA SER A 323 4.38 3.10 0.55
C SER A 323 4.39 2.97 2.07
N ASN A 324 4.94 3.92 2.81
CA ASN A 324 4.51 4.15 4.18
C ASN A 324 4.62 5.62 4.58
N ARG A 325 5.02 6.50 3.68
CA ARG A 325 5.21 7.92 3.95
C ARG A 325 4.31 8.71 3.02
N VAL A 326 3.59 9.68 3.58
CA VAL A 326 2.60 10.44 2.82
C VAL A 326 3.03 11.90 2.82
N PHE A 327 3.28 12.44 1.62
CA PHE A 327 3.61 13.85 1.45
C PHE A 327 2.36 14.59 0.99
N CYS A 328 1.93 15.58 1.78
CA CYS A 328 0.72 16.33 1.48
C CYS A 328 0.98 17.82 1.61
N ASP A 329 0.25 18.60 0.82
CA ASP A 329 0.34 20.06 0.84
C ASP A 329 -0.79 20.60 1.70
N THR A 330 -0.45 21.40 2.70
CA THR A 330 -1.43 21.94 3.63
C THR A 330 -2.26 23.08 3.03
N MET A 331 -1.91 23.53 1.81
CA MET A 331 -2.71 24.55 1.15
C MET A 331 -4.14 24.06 0.91
N ASN A 332 -4.29 22.79 0.53
CA ASN A 332 -5.59 22.18 0.26
C ASN A 332 -6.07 21.36 1.45
N SER A 333 -5.80 21.81 2.67
CA SER A 333 -6.09 21.04 3.87
C SER A 333 -7.17 21.73 4.70
N LEU A 334 -7.94 20.90 5.41
CA LEU A 334 -8.92 21.37 6.38
C LEU A 334 -8.48 20.91 7.76
N THR A 335 -8.37 21.85 8.70
CA THR A 335 -7.94 21.54 10.06
C THR A 335 -9.16 21.15 10.89
N LEU A 336 -9.16 19.92 11.38
CA LEU A 336 -10.30 19.30 12.05
C LEU A 336 -9.94 18.91 13.47
N PRO A 337 -10.93 18.76 14.35
CA PRO A 337 -10.64 18.33 15.72
C PRO A 337 -10.18 16.87 15.75
N SER A 338 -9.53 16.52 16.86
CA SER A 338 -9.13 15.13 17.08
C SER A 338 -10.33 14.20 17.17
N GLU A 339 -11.52 14.74 17.38
CA GLU A 339 -12.73 13.94 17.54
C GLU A 339 -13.31 13.48 16.21
N VAL A 340 -12.77 13.93 15.08
CA VAL A 340 -13.30 13.48 13.80
C VAL A 340 -13.07 11.99 13.59
N ASN A 341 -12.05 11.42 14.26
CA ASN A 341 -11.80 9.99 14.17
C ASN A 341 -12.94 9.16 14.76
N LEU A 342 -13.80 9.79 15.59
CA LEU A 342 -14.92 9.06 16.18
C LEU A 342 -15.92 8.60 15.14
N CYS A 343 -15.89 9.15 13.93
CA CYS A 343 -16.72 8.67 12.84
C CYS A 343 -16.33 7.29 12.36
N ASN A 344 -15.14 6.80 12.74
CA ASN A 344 -14.73 5.45 12.39
C ASN A 344 -15.06 4.43 13.47
N VAL A 345 -15.34 4.89 14.70
CA VAL A 345 -15.65 3.99 15.79
C VAL A 345 -17.12 4.08 16.21
N ASP A 346 -17.73 5.27 16.15
CA ASP A 346 -19.14 5.44 16.46
C ASP A 346 -19.65 6.61 15.62
N ILE A 347 -20.22 6.27 14.45
CA ILE A 347 -20.67 7.30 13.53
C ILE A 347 -21.85 8.09 14.07
N PHE A 348 -22.45 7.65 15.17
CA PHE A 348 -23.57 8.35 15.80
C PHE A 348 -23.17 9.13 17.04
N ASN A 349 -21.88 9.34 17.26
CA ASN A 349 -21.47 10.07 18.46
C ASN A 349 -21.94 11.52 18.39
N PRO A 350 -22.39 12.10 19.50
CA PRO A 350 -22.76 13.52 19.51
C PRO A 350 -21.60 14.48 19.55
N LYS A 351 -20.36 14.01 19.77
CA LYS A 351 -19.24 14.92 19.84
C LYS A 351 -18.82 15.42 18.46
N TYR A 352 -18.98 14.61 17.42
CA TYR A 352 -18.70 15.06 16.07
C TYR A 352 -19.88 14.72 15.16
N ASP A 353 -20.21 15.65 14.26
CA ASP A 353 -21.32 15.50 13.33
C ASP A 353 -20.79 14.90 12.03
N CYS A 354 -20.82 13.58 11.95
CA CYS A 354 -20.25 12.88 10.81
C CYS A 354 -21.09 13.12 9.56
N LYS A 355 -20.41 13.30 8.43
CA LYS A 355 -21.06 13.69 7.19
C LYS A 355 -21.38 12.47 6.33
N ILE A 356 -22.59 12.46 5.76
CA ILE A 356 -23.01 11.45 4.80
C ILE A 356 -23.76 12.13 3.66
N MET A 357 -23.90 11.39 2.56
CA MET A 357 -24.87 11.70 1.52
C MET A 357 -25.79 10.49 1.36
N THR A 358 -26.96 10.74 0.80
CA THR A 358 -27.98 9.72 0.70
C THR A 358 -28.48 9.62 -0.74
N SER A 359 -29.07 8.47 -1.06
CA SER A 359 -29.68 8.25 -2.36
C SER A 359 -30.61 7.06 -2.25
N LYS A 360 -31.40 6.83 -3.30
CA LYS A 360 -32.19 5.61 -3.43
C LYS A 360 -31.82 4.83 -4.69
N THR A 361 -30.67 5.15 -5.29
CA THR A 361 -30.15 4.41 -6.43
C THR A 361 -29.16 3.36 -5.91
N ASP A 362 -29.56 2.09 -5.96
CA ASP A 362 -28.74 0.99 -5.48
C ASP A 362 -27.99 0.35 -6.64
N VAL A 363 -26.99 1.08 -7.14
CA VAL A 363 -26.10 0.59 -8.17
C VAL A 363 -24.94 -0.15 -7.50
N SER A 364 -24.30 -1.02 -8.26
CA SER A 364 -23.19 -1.83 -7.76
C SER A 364 -21.88 -1.17 -8.14
N SER A 365 -20.98 -1.03 -7.17
CA SER A 365 -19.71 -0.35 -7.37
C SER A 365 -18.68 -0.94 -6.40
N SER A 366 -17.41 -0.66 -6.68
CA SER A 366 -16.33 -1.17 -5.85
C SER A 366 -15.26 -0.11 -5.68
N VAL A 367 -14.57 -0.18 -4.54
CA VAL A 367 -13.48 0.73 -4.20
C VAL A 367 -12.26 -0.11 -3.85
N ILE A 368 -11.11 0.24 -4.40
CA ILE A 368 -9.86 -0.45 -4.13
C ILE A 368 -9.11 0.31 -3.03
N THR A 369 -8.87 -0.35 -1.91
CA THR A 369 -8.23 0.26 -0.76
C THR A 369 -6.74 -0.04 -0.76
N SER A 370 -6.07 0.31 0.34
CA SER A 370 -4.63 0.07 0.44
C SER A 370 -4.32 -1.43 0.49
N LEU A 371 -5.13 -2.20 1.22
CA LEU A 371 -4.85 -3.62 1.43
C LEU A 371 -5.95 -4.53 0.90
N GLY A 372 -6.90 -4.01 0.11
CA GLY A 372 -7.97 -4.85 -0.38
C GLY A 372 -9.00 -4.14 -1.23
N ALA A 373 -10.26 -4.52 -1.09
CA ALA A 373 -11.33 -3.96 -1.92
C ALA A 373 -12.65 -3.97 -1.17
N ILE A 374 -13.35 -2.83 -1.22
CA ILE A 374 -14.74 -2.75 -0.74
C ILE A 374 -15.65 -2.99 -1.93
N VAL A 375 -16.59 -3.92 -1.77
CA VAL A 375 -17.50 -4.31 -2.84
C VAL A 375 -18.93 -4.03 -2.37
N SER A 376 -19.60 -3.09 -3.04
CA SER A 376 -21.00 -2.78 -2.79
C SER A 376 -21.81 -3.43 -3.91
N CYS A 377 -22.42 -4.57 -3.61
CA CYS A 377 -23.17 -5.36 -4.57
C CYS A 377 -24.65 -5.24 -4.24
N TYR A 378 -25.45 -4.72 -5.17
CA TYR A 378 -26.85 -4.46 -4.93
C TYR A 378 -27.70 -4.98 -6.08
N GLY A 379 -28.84 -5.58 -5.74
CA GLY A 379 -29.79 -6.00 -6.75
C GLY A 379 -29.41 -7.32 -7.40
N LYS A 380 -29.55 -7.36 -8.72
CA LYS A 380 -29.32 -8.57 -9.51
C LYS A 380 -27.89 -8.67 -10.03
N THR A 381 -27.02 -7.73 -9.69
CA THR A 381 -25.69 -7.66 -10.29
C THR A 381 -24.81 -8.81 -9.79
N LYS A 382 -23.88 -9.21 -10.65
CA LYS A 382 -22.90 -10.26 -10.34
C LYS A 382 -21.59 -9.59 -9.91
N CYS A 383 -21.17 -9.88 -8.67
CA CYS A 383 -19.92 -9.36 -8.11
C CYS A 383 -19.07 -10.52 -7.64
N THR A 384 -17.81 -10.54 -8.08
CA THR A 384 -16.90 -11.64 -7.78
C THR A 384 -15.51 -11.11 -7.51
N ALA A 385 -14.73 -11.91 -6.78
CA ALA A 385 -13.30 -11.72 -6.61
C ALA A 385 -12.58 -12.93 -7.18
N SER A 386 -11.49 -12.69 -7.90
CA SER A 386 -10.81 -13.75 -8.64
C SER A 386 -9.31 -13.72 -8.41
N ASN A 387 -8.73 -14.92 -8.42
CA ASN A 387 -7.28 -15.10 -8.45
C ASN A 387 -6.85 -15.42 -9.87
N LYS A 388 -5.75 -14.82 -10.31
CA LYS A 388 -5.32 -14.97 -11.70
C LYS A 388 -5.05 -16.41 -12.09
N ASN A 389 -4.78 -17.28 -11.10
CA ASN A 389 -4.51 -18.68 -11.36
C ASN A 389 -5.71 -19.59 -11.10
N ARG A 390 -6.64 -19.18 -10.24
CA ARG A 390 -7.76 -20.04 -9.86
C ARG A 390 -9.08 -19.64 -10.52
N GLY A 391 -9.25 -18.37 -10.88
CA GLY A 391 -10.54 -17.90 -11.32
C GLY A 391 -11.34 -17.33 -10.15
N ILE A 392 -12.66 -17.43 -10.21
CA ILE A 392 -13.50 -16.87 -9.16
C ILE A 392 -13.35 -17.71 -7.90
N ILE A 393 -12.90 -17.08 -6.83
CA ILE A 393 -12.79 -17.72 -5.51
C ILE A 393 -13.78 -17.15 -4.52
N LYS A 394 -14.56 -16.15 -4.91
CA LYS A 394 -15.58 -15.57 -4.05
C LYS A 394 -16.67 -14.93 -4.90
N THR A 395 -17.92 -15.17 -4.53
CA THR A 395 -19.07 -14.48 -5.10
C THR A 395 -19.73 -13.68 -3.99
N PHE A 396 -19.85 -12.37 -4.17
CA PHE A 396 -20.42 -11.51 -3.16
C PHE A 396 -21.95 -11.58 -3.19
N SER A 397 -22.55 -11.51 -2.01
CA SER A 397 -23.99 -11.39 -1.89
C SER A 397 -24.38 -9.91 -1.93
N ASN A 398 -25.67 -9.64 -1.89
CA ASN A 398 -26.15 -8.26 -1.86
C ASN A 398 -25.75 -7.61 -0.54
N GLY A 399 -25.19 -6.41 -0.61
CA GLY A 399 -24.74 -5.66 0.53
C GLY A 399 -23.33 -5.15 0.32
N CYS A 400 -22.73 -4.66 1.41
CA CYS A 400 -21.37 -4.14 1.40
C CYS A 400 -20.45 -5.11 2.11
N ASP A 401 -19.35 -5.46 1.45
CA ASP A 401 -18.40 -6.45 1.97
C ASP A 401 -16.98 -5.97 1.69
N TYR A 402 -16.01 -6.78 2.08
CA TYR A 402 -14.60 -6.42 1.96
C TYR A 402 -13.75 -7.67 1.88
N VAL A 403 -12.74 -7.63 1.02
CA VAL A 403 -11.75 -8.71 0.89
C VAL A 403 -10.36 -8.10 0.88
N SER A 404 -9.38 -8.88 1.33
CA SER A 404 -8.00 -8.43 1.34
C SER A 404 -7.31 -8.79 0.03
N ASN A 405 -6.10 -8.26 -0.15
CA ASN A 405 -5.34 -8.41 -1.39
C ASN A 405 -4.39 -9.60 -1.37
N LYS A 406 -4.35 -10.37 -0.28
CA LYS A 406 -3.32 -11.40 -0.13
C LYS A 406 -3.46 -12.48 -1.20
N GLY A 407 -4.66 -13.01 -1.40
CA GLY A 407 -4.86 -14.09 -2.34
C GLY A 407 -5.81 -13.75 -3.48
N VAL A 408 -6.13 -12.47 -3.62
CA VAL A 408 -7.01 -11.99 -4.68
C VAL A 408 -6.19 -11.11 -5.62
N ASP A 409 -6.47 -11.25 -6.91
CA ASP A 409 -5.82 -10.44 -7.93
C ASP A 409 -6.75 -9.42 -8.57
N THR A 410 -7.99 -9.79 -8.84
CA THR A 410 -8.95 -8.89 -9.48
C THR A 410 -10.31 -9.01 -8.82
N VAL A 411 -11.12 -7.96 -8.99
CA VAL A 411 -12.51 -7.94 -8.54
C VAL A 411 -13.38 -7.49 -9.71
N SER A 412 -14.47 -8.21 -9.96
CA SER A 412 -15.40 -7.89 -11.04
C SER A 412 -16.73 -7.47 -10.45
N VAL A 413 -17.24 -6.32 -10.89
CA VAL A 413 -18.57 -5.83 -10.50
C VAL A 413 -19.31 -5.52 -11.79
N GLY A 414 -20.05 -6.50 -12.32
CA GLY A 414 -20.74 -6.33 -13.56
C GLY A 414 -19.82 -6.30 -14.76
N ASN A 415 -19.76 -5.15 -15.44
CA ASN A 415 -18.93 -4.98 -16.62
C ASN A 415 -17.58 -4.34 -16.31
N THR A 416 -17.31 -4.02 -15.05
CA THR A 416 -16.07 -3.35 -14.68
C THR A 416 -15.12 -4.34 -14.01
N LEU A 417 -13.84 -4.25 -14.36
CA LEU A 417 -12.80 -5.09 -13.79
C LEU A 417 -11.87 -4.22 -12.96
N TYR A 418 -11.72 -4.58 -11.68
CA TYR A 418 -10.86 -3.86 -10.75
C TYR A 418 -9.65 -4.72 -10.42
N TYR A 419 -8.46 -4.12 -10.46
CA TYR A 419 -7.24 -4.75 -9.99
C TYR A 419 -6.89 -4.22 -8.60
N VAL A 420 -6.44 -5.10 -7.73
CA VAL A 420 -6.11 -4.74 -6.36
C VAL A 420 -4.62 -4.47 -6.26
N ASN A 421 -4.26 -3.58 -5.33
CA ASN A 421 -2.86 -3.37 -5.00
C ASN A 421 -2.29 -4.59 -4.28
N LYS A 422 -0.98 -4.80 -4.42
CA LYS A 422 -0.30 -5.89 -3.75
C LYS A 422 0.61 -5.37 -2.63
N GLN A 423 0.13 -4.33 -1.93
CA GLN A 423 0.77 -3.91 -0.70
C GLN A 423 0.51 -4.93 0.40
N GLU A 424 1.47 -5.07 1.31
CA GLU A 424 1.41 -6.08 2.36
C GLU A 424 1.01 -5.45 3.69
N GLY A 425 0.09 -6.11 4.39
CA GLY A 425 -0.35 -5.59 5.67
C GLY A 425 -1.35 -6.55 6.30
N LYS A 426 -1.99 -6.07 7.36
CA LYS A 426 -3.01 -6.82 8.08
C LYS A 426 -4.37 -6.20 7.81
N SER A 427 -5.36 -7.04 7.50
CA SER A 427 -6.70 -6.61 7.15
C SER A 427 -7.68 -7.08 8.21
N LEU A 428 -8.52 -6.16 8.70
CA LEU A 428 -9.46 -6.44 9.78
C LEU A 428 -10.88 -6.17 9.33
N TYR A 429 -11.80 -7.02 9.77
CA TYR A 429 -13.23 -6.87 9.51
C TYR A 429 -13.93 -6.64 10.84
N VAL A 430 -14.55 -5.46 10.98
CA VAL A 430 -15.23 -5.08 12.21
C VAL A 430 -16.73 -5.29 11.99
N LYS A 431 -17.30 -6.29 12.67
CA LYS A 431 -18.71 -6.58 12.53
C LYS A 431 -19.56 -5.46 13.11
N GLY A 432 -20.73 -5.26 12.50
CA GLY A 432 -21.64 -4.23 12.95
C GLY A 432 -22.88 -4.13 12.09
N GLU A 433 -24.00 -3.70 12.68
CA GLU A 433 -25.24 -3.60 11.93
C GLU A 433 -25.15 -2.43 10.95
N PRO A 434 -25.49 -2.63 9.67
CA PRO A 434 -25.49 -1.50 8.73
C PRO A 434 -26.45 -0.42 9.15
N ILE A 435 -25.93 0.81 9.30
CA ILE A 435 -26.72 1.91 9.82
C ILE A 435 -27.85 2.34 8.90
N ILE A 436 -27.85 1.87 7.65
CA ILE A 436 -28.95 2.17 6.75
C ILE A 436 -30.21 1.42 7.16
N ASN A 437 -30.07 0.37 7.97
CA ASN A 437 -31.22 -0.38 8.47
C ASN A 437 -31.91 0.32 9.65
N PHE A 438 -31.29 1.33 10.24
CA PHE A 438 -31.90 2.08 11.34
C PHE A 438 -32.84 3.16 10.86
N TYR A 439 -32.98 3.35 9.55
CA TYR A 439 -33.77 4.42 8.98
C TYR A 439 -35.04 3.86 8.37
N ASP A 440 -36.14 4.58 8.54
CA ASP A 440 -37.39 4.22 7.89
C ASP A 440 -37.39 4.75 6.47
N PRO A 441 -37.58 3.91 5.44
CA PRO A 441 -37.52 4.41 4.06
C PRO A 441 -38.56 5.45 3.74
N LEU A 442 -39.66 5.49 4.49
CA LEU A 442 -40.75 6.42 4.19
C LEU A 442 -40.41 7.85 4.59
N VAL A 443 -39.63 8.03 5.65
CA VAL A 443 -39.21 9.36 6.10
C VAL A 443 -37.79 9.69 5.68
N PHE A 444 -37.11 8.78 5.00
CA PHE A 444 -35.69 8.93 4.72
C PHE A 444 -35.46 10.00 3.64
N PRO A 445 -34.63 11.01 3.91
CA PRO A 445 -34.31 11.99 2.86
C PRO A 445 -33.47 11.37 1.75
N SER A 446 -34.07 11.21 0.58
CA SER A 446 -33.38 10.55 -0.53
C SER A 446 -32.21 11.39 -1.03
N ASP A 447 -32.46 12.67 -1.32
CA ASP A 447 -31.46 13.52 -1.94
C ASP A 447 -30.89 14.43 -0.85
N GLU A 448 -29.74 14.03 -0.31
CA GLU A 448 -28.88 14.90 0.47
C GLU A 448 -27.47 14.74 -0.04
N PHE A 449 -26.85 15.85 -0.47
CA PHE A 449 -25.54 15.79 -1.09
C PHE A 449 -24.41 15.98 -0.08
N ASP A 450 -24.60 16.86 0.89
CA ASP A 450 -23.55 17.20 1.85
C ASP A 450 -24.12 17.28 3.26
N ALA A 451 -25.00 16.33 3.60
CA ALA A 451 -25.68 16.33 4.89
C ALA A 451 -24.78 15.72 5.96
N SER A 452 -25.36 15.41 7.11
CA SER A 452 -24.63 14.83 8.23
C SER A 452 -25.62 14.07 9.09
N ILE A 453 -25.08 13.32 10.07
CA ILE A 453 -25.92 12.49 10.92
C ILE A 453 -26.95 13.35 11.66
N SER A 454 -26.52 14.51 12.16
CA SER A 454 -27.44 15.38 12.90
C SER A 454 -28.44 16.04 11.95
N GLN A 455 -27.95 16.53 10.81
CA GLN A 455 -28.84 17.22 9.86
C GLN A 455 -29.89 16.27 9.30
N VAL A 456 -29.51 15.02 9.04
CA VAL A 456 -30.49 14.04 8.58
C VAL A 456 -31.51 13.74 9.66
N ASN A 457 -31.06 13.66 10.92
CA ASN A 457 -31.98 13.31 12.01
C ASN A 457 -33.07 14.37 12.17
N GLU A 458 -32.68 15.65 12.28
CA GLU A 458 -33.69 16.68 12.47
C GLU A 458 -34.47 16.95 11.19
N LYS A 459 -33.93 16.60 10.02
CA LYS A 459 -34.75 16.58 8.83
C LYS A 459 -35.82 15.49 8.94
N ILE A 460 -35.48 14.35 9.52
CA ILE A 460 -36.46 13.29 9.75
C ILE A 460 -37.46 13.69 10.82
N ASN A 461 -36.99 14.39 11.87
CA ASN A 461 -37.90 14.81 12.94
C ASN A 461 -39.01 15.70 12.41
N GLN A 462 -38.66 16.68 11.57
CA GLN A 462 -39.66 17.60 11.06
C GLN A 462 -40.66 16.88 10.15
N SER A 463 -40.18 15.90 9.37
CA SER A 463 -41.09 15.14 8.51
C SER A 463 -41.95 14.18 9.32
N LEU A 464 -41.45 13.71 10.47
CA LEU A 464 -42.31 12.95 11.39
C LEU A 464 -43.33 13.85 12.05
N ALA A 465 -42.96 15.11 12.34
CA ALA A 465 -43.93 16.05 12.87
C ALA A 465 -44.98 16.43 11.83
N PHE A 466 -44.60 16.40 10.55
CA PHE A 466 -45.55 16.74 9.49
C PHE A 466 -46.70 15.74 9.44
N ILE A 467 -46.41 14.45 9.58
CA ILE A 467 -47.50 13.47 9.66
C ILE A 467 -48.23 13.58 10.98
N ARG A 468 -47.52 13.92 12.06
CA ARG A 468 -48.08 13.77 13.40
C ARG A 468 -49.26 14.69 13.62
N LYS A 469 -49.12 15.98 13.28
CA LYS A 469 -50.20 16.90 13.57
C LYS A 469 -51.47 16.56 12.80
N SER A 470 -51.37 15.71 11.77
CA SER A 470 -52.54 15.11 11.15
C SER A 470 -53.01 13.85 11.86
N ASP A 471 -52.19 13.27 12.75
CA ASP A 471 -52.51 12.02 13.42
C ASP A 471 -53.39 12.20 14.65
N GLU A 472 -53.68 13.44 15.06
CA GLU A 472 -54.54 13.70 16.20
C GLU A 472 -55.69 14.64 15.91
N LEU A 473 -55.87 15.09 14.67
CA LEU A 473 -57.03 15.90 14.32
C LEU A 473 -58.30 15.06 14.20
N LEU A 474 -58.17 13.81 13.80
CA LEU A 474 -59.31 13.01 13.39
C LEU A 474 -59.77 12.09 14.51
N GLN B 1 -2.23 -21.20 27.56
CA GLN B 1 -2.44 -22.64 27.59
C GLN B 1 -3.11 -23.12 26.30
N VAL B 2 -2.61 -22.64 25.16
CA VAL B 2 -3.18 -23.02 23.88
C VAL B 2 -3.13 -24.54 23.73
N GLN B 3 -4.28 -25.13 23.42
CA GLN B 3 -4.47 -26.57 23.56
C GLN B 3 -5.46 -27.05 22.50
N LEU B 4 -5.10 -28.13 21.81
CA LEU B 4 -6.02 -28.83 20.93
C LEU B 4 -6.06 -30.29 21.35
N VAL B 5 -7.26 -30.77 21.66
CA VAL B 5 -7.47 -32.12 22.17
C VAL B 5 -8.38 -32.86 21.20
N GLN B 6 -7.90 -33.98 20.68
CA GLN B 6 -8.63 -34.76 19.68
C GLN B 6 -9.24 -36.01 20.29
N SER B 7 -10.29 -36.50 19.63
CA SER B 7 -11.00 -37.68 20.08
C SER B 7 -11.79 -38.27 18.93
N GLY B 8 -11.91 -39.60 18.92
CA GLY B 8 -12.68 -40.27 17.89
C GLY B 8 -11.94 -41.38 17.18
N GLY B 9 -10.84 -41.83 17.77
CA GLY B 9 -10.01 -42.84 17.10
C GLY B 9 -10.52 -44.25 17.20
N GLY B 10 -10.34 -45.06 16.15
CA GLY B 10 -10.72 -46.48 16.21
C GLY B 10 -10.86 -47.15 14.87
N VAL B 11 -11.17 -48.45 14.86
CA VAL B 11 -11.23 -49.24 13.59
C VAL B 11 -12.62 -49.10 12.97
N VAL B 12 -12.74 -49.32 11.67
CA VAL B 12 -14.05 -49.13 10.98
C VAL B 12 -14.14 -50.08 9.78
N GLN B 13 -15.25 -50.07 9.08
CA GLN B 13 -15.45 -51.05 7.99
C GLN B 13 -15.42 -50.30 6.64
N PRO B 14 -14.82 -50.81 5.55
CA PRO B 14 -14.87 -50.05 4.29
C PRO B 14 -16.31 -49.84 3.83
N GLY B 15 -16.56 -48.66 3.27
CA GLY B 15 -17.89 -48.26 2.87
C GLY B 15 -18.73 -47.62 3.96
N ARG B 16 -18.21 -47.57 5.19
CA ARG B 16 -18.91 -46.99 6.32
C ARG B 16 -18.44 -45.55 6.55
N SER B 17 -18.91 -44.95 7.64
CA SER B 17 -18.63 -43.57 7.98
C SER B 17 -18.13 -43.47 9.41
N LEU B 18 -17.52 -42.33 9.74
CA LEU B 18 -16.87 -42.15 11.03
C LEU B 18 -16.53 -40.67 11.18
N ARG B 19 -16.72 -40.12 12.38
CA ARG B 19 -16.44 -38.71 12.63
C ARG B 19 -15.30 -38.54 13.63
N LEU B 20 -14.69 -37.36 13.58
CA LEU B 20 -13.59 -36.99 14.46
C LEU B 20 -13.88 -35.64 15.13
N SER B 21 -13.22 -35.40 16.25
CA SER B 21 -13.43 -34.18 17.02
C SER B 21 -12.08 -33.66 17.54
N CYS B 22 -11.93 -32.34 17.53
CA CYS B 22 -10.80 -31.68 18.20
C CYS B 22 -11.33 -30.40 18.85
N ALA B 23 -11.19 -30.33 20.17
CA ALA B 23 -11.76 -29.24 20.97
C ALA B 23 -10.66 -28.26 21.35
N ALA B 24 -10.83 -27.01 20.94
CA ALA B 24 -9.84 -25.97 21.16
C ALA B 24 -10.05 -25.30 22.51
N SER B 25 -8.94 -24.96 23.17
CA SER B 25 -8.98 -24.25 24.44
C SER B 25 -7.75 -23.37 24.55
N GLY B 26 -7.91 -22.21 25.18
CA GLY B 26 -6.82 -21.28 25.37
C GLY B 26 -6.70 -20.18 24.33
N PHE B 27 -7.65 -20.10 23.39
CA PHE B 27 -7.62 -19.07 22.36
C PHE B 27 -9.01 -18.93 21.77
N SER B 28 -9.21 -17.85 21.02
CA SER B 28 -10.50 -17.56 20.39
C SER B 28 -10.63 -18.41 19.13
N PHE B 29 -11.25 -19.59 19.29
CA PHE B 29 -11.35 -20.55 18.20
C PHE B 29 -12.09 -19.98 17.00
N THR B 30 -13.05 -19.10 17.23
CA THR B 30 -13.90 -18.60 16.16
C THR B 30 -13.10 -17.88 15.08
N ASN B 31 -12.00 -17.24 15.46
CA ASN B 31 -11.30 -16.31 14.59
C ASN B 31 -10.22 -16.95 13.73
N TYR B 32 -10.06 -18.27 13.80
CA TYR B 32 -9.00 -18.95 13.06
C TYR B 32 -9.57 -20.06 12.20
N GLY B 33 -9.05 -20.18 10.98
CA GLY B 33 -9.32 -21.37 10.19
C GLY B 33 -8.63 -22.59 10.77
N MET B 34 -9.09 -23.77 10.36
CA MET B 34 -8.57 -25.01 10.91
C MET B 34 -8.34 -26.04 9.81
N HIS B 35 -7.36 -26.91 10.04
CA HIS B 35 -6.92 -27.91 9.08
C HIS B 35 -7.10 -29.32 9.65
N TRP B 36 -7.31 -30.27 8.75
CA TRP B 36 -7.19 -31.69 9.05
C TRP B 36 -6.04 -32.25 8.20
N VAL B 37 -5.09 -32.92 8.85
CA VAL B 37 -3.92 -33.47 8.19
C VAL B 37 -3.67 -34.87 8.72
N ARG B 38 -3.44 -35.82 7.81
CA ARG B 38 -3.17 -37.20 8.18
C ARG B 38 -1.76 -37.60 7.77
N GLN B 39 -1.31 -38.75 8.26
CA GLN B 39 0.01 -39.28 7.93
C GLN B 39 -0.11 -40.81 7.91
N ALA B 40 -0.17 -41.39 6.71
CA ALA B 40 -0.31 -42.83 6.58
C ALA B 40 0.90 -43.54 7.18
N PRO B 41 0.74 -44.80 7.62
CA PRO B 41 1.86 -45.50 8.27
C PRO B 41 3.13 -45.53 7.45
N GLY B 42 4.19 -44.92 7.99
CA GLY B 42 5.46 -44.87 7.29
C GLY B 42 5.51 -43.94 6.10
N LYS B 43 4.45 -43.18 5.86
CA LYS B 43 4.40 -42.23 4.76
C LYS B 43 4.57 -40.81 5.28
N GLY B 44 4.47 -39.83 4.38
CA GLY B 44 4.58 -38.45 4.74
C GLY B 44 3.24 -37.80 5.02
N LEU B 45 3.28 -36.51 5.35
CA LEU B 45 2.07 -35.76 5.62
C LEU B 45 1.26 -35.57 4.34
N GLU B 46 -0.07 -35.68 4.48
CA GLU B 46 -0.99 -35.42 3.38
C GLU B 46 -2.09 -34.50 3.89
N TRP B 47 -2.19 -33.32 3.30
CA TRP B 47 -3.23 -32.37 3.67
C TRP B 47 -4.59 -32.91 3.25
N VAL B 48 -5.58 -32.79 4.14
CA VAL B 48 -6.91 -33.34 3.93
C VAL B 48 -7.95 -32.26 3.63
N ALA B 49 -8.16 -31.34 4.57
CA ALA B 49 -9.20 -30.33 4.39
C ALA B 49 -8.90 -29.12 5.25
N VAL B 50 -9.59 -28.02 4.93
CA VAL B 50 -9.48 -26.77 5.67
C VAL B 50 -10.85 -26.12 5.77
N ILE B 51 -11.07 -25.39 6.86
CA ILE B 51 -12.32 -24.67 7.10
C ILE B 51 -12.00 -23.20 7.35
N SER B 52 -12.81 -22.32 6.80
CA SER B 52 -12.58 -20.89 6.90
C SER B 52 -12.94 -20.38 8.31
N TYR B 53 -12.60 -19.11 8.56
CA TYR B 53 -12.78 -18.52 9.88
C TYR B 53 -14.23 -18.13 10.14
N ASP B 54 -14.69 -18.42 11.37
CA ASP B 54 -15.95 -17.96 11.96
C ASP B 54 -17.25 -18.47 11.36
N ASP B 55 -17.25 -18.76 10.08
CA ASP B 55 -18.48 -19.10 9.36
C ASP B 55 -18.29 -20.24 8.39
N GLY B 56 -17.05 -20.53 8.00
CA GLY B 56 -16.76 -21.69 7.19
C GLY B 56 -17.29 -21.61 5.79
N SER B 57 -17.64 -20.42 5.31
CA SER B 57 -18.09 -20.23 3.93
C SER B 57 -17.20 -21.01 2.97
N ASP B 58 -15.90 -20.70 2.98
CA ASP B 58 -14.94 -21.40 2.15
C ASP B 58 -14.42 -22.62 2.88
N LYS B 59 -14.45 -23.76 2.21
CA LYS B 59 -14.10 -25.04 2.81
C LYS B 59 -13.60 -25.95 1.70
N TYR B 60 -12.32 -26.30 1.74
CA TYR B 60 -11.64 -26.94 0.63
C TYR B 60 -11.14 -28.33 1.03
N TYR B 61 -11.22 -29.27 0.10
CA TYR B 61 -10.84 -30.65 0.34
C TYR B 61 -9.82 -31.09 -0.71
N ALA B 62 -9.05 -32.12 -0.35
CA ALA B 62 -8.15 -32.75 -1.30
C ALA B 62 -8.91 -33.77 -2.14
N ASP B 63 -8.35 -34.09 -3.31
CA ASP B 63 -8.99 -35.04 -4.21
C ASP B 63 -9.01 -36.45 -3.65
N SER B 64 -8.08 -36.78 -2.74
CA SER B 64 -8.10 -38.10 -2.11
C SER B 64 -9.34 -38.30 -1.25
N VAL B 65 -9.98 -37.22 -0.80
CA VAL B 65 -11.17 -37.31 0.04
C VAL B 65 -12.33 -36.52 -0.51
N LYS B 66 -12.18 -35.89 -1.69
CA LYS B 66 -13.25 -35.08 -2.25
C LYS B 66 -14.49 -35.93 -2.53
N GLY B 67 -15.65 -35.41 -2.14
CA GLY B 67 -16.91 -36.09 -2.35
C GLY B 67 -17.29 -37.09 -1.27
N ARG B 68 -16.36 -37.40 -0.37
CA ARG B 68 -16.66 -38.39 0.69
C ARG B 68 -16.48 -37.72 2.07
N PHE B 69 -15.43 -36.93 2.25
CA PHE B 69 -15.21 -36.28 3.53
C PHE B 69 -15.86 -34.91 3.57
N THR B 70 -16.17 -34.45 4.79
CA THR B 70 -16.75 -33.14 5.00
C THR B 70 -16.20 -32.55 6.29
N ILE B 71 -15.92 -31.25 6.29
CA ILE B 71 -15.43 -30.53 7.45
C ILE B 71 -16.53 -29.61 7.95
N SER B 72 -16.61 -29.43 9.27
CA SER B 72 -17.55 -28.51 9.85
C SER B 72 -17.02 -28.07 11.21
N ARG B 73 -17.55 -26.96 11.70
CA ARG B 73 -17.09 -26.35 12.95
C ARG B 73 -18.28 -25.88 13.76
N ASP B 74 -18.16 -25.98 15.08
CA ASP B 74 -19.13 -25.43 16.03
C ASP B 74 -18.39 -24.39 16.87
N ASN B 75 -18.60 -23.12 16.54
CA ASN B 75 -17.90 -22.05 17.25
C ASN B 75 -18.37 -21.94 18.70
N SER B 76 -19.63 -22.31 18.97
CA SER B 76 -20.14 -22.25 20.34
C SER B 76 -19.49 -23.32 21.22
N LYS B 77 -19.22 -24.50 20.66
CA LYS B 77 -18.57 -25.56 21.39
C LYS B 77 -17.05 -25.54 21.29
N ASN B 78 -16.49 -24.59 20.52
CA ASN B 78 -15.05 -24.47 20.33
C ASN B 78 -14.45 -25.80 19.87
N THR B 79 -15.12 -26.46 18.92
CA THR B 79 -14.78 -27.82 18.56
C THR B 79 -14.92 -27.99 17.04
N LEU B 80 -13.98 -28.73 16.45
CA LEU B 80 -13.93 -28.97 15.02
C LEU B 80 -14.25 -30.43 14.70
N TYR B 81 -14.92 -30.64 13.57
CA TYR B 81 -15.42 -31.95 13.18
C TYR B 81 -14.82 -32.38 11.85
N LEU B 82 -14.72 -33.69 11.63
CA LEU B 82 -14.38 -34.26 10.33
C LEU B 82 -15.36 -35.38 10.00
N GLN B 83 -16.20 -35.14 9.01
CA GLN B 83 -17.17 -36.10 8.47
C GLN B 83 -16.45 -37.01 7.48
N MET B 84 -16.15 -38.24 7.88
CA MET B 84 -15.48 -39.21 7.02
C MET B 84 -16.51 -40.25 6.55
N ASN B 85 -16.67 -40.36 5.23
CA ASN B 85 -17.56 -41.34 4.62
C ASN B 85 -16.78 -42.24 3.68
N SER B 86 -17.37 -43.40 3.37
CA SER B 86 -16.87 -44.31 2.33
C SER B 86 -15.40 -44.67 2.56
N LEU B 87 -15.07 -44.94 3.82
CA LEU B 87 -13.68 -45.18 4.19
C LEU B 87 -13.08 -46.36 3.42
N ARG B 88 -11.81 -46.23 3.07
CA ARG B 88 -11.08 -47.21 2.30
C ARG B 88 -9.76 -47.51 3.00
N ALA B 89 -9.08 -48.56 2.53
CA ALA B 89 -7.80 -48.93 3.15
C ALA B 89 -6.77 -47.82 3.02
N GLU B 90 -6.82 -47.04 1.94
CA GLU B 90 -5.86 -45.97 1.73
C GLU B 90 -6.05 -44.82 2.71
N ASP B 91 -7.22 -44.71 3.34
CA ASP B 91 -7.46 -43.67 4.33
C ASP B 91 -6.92 -44.01 5.70
N THR B 92 -6.36 -45.21 5.88
CA THR B 92 -5.81 -45.63 7.16
C THR B 92 -4.62 -44.76 7.54
N ALA B 93 -4.79 -43.89 8.53
CA ALA B 93 -3.73 -42.97 8.90
C ALA B 93 -3.99 -42.40 10.29
N VAL B 94 -2.95 -41.84 10.88
CA VAL B 94 -3.08 -41.01 12.07
C VAL B 94 -3.48 -39.61 11.64
N TYR B 95 -4.56 -39.09 12.22
CA TYR B 95 -5.19 -37.85 11.78
C TYR B 95 -4.87 -36.73 12.77
N TYR B 96 -4.47 -35.57 12.24
CA TYR B 96 -4.07 -34.42 13.05
C TYR B 96 -5.03 -33.26 12.83
N CYS B 97 -5.33 -32.53 13.90
CA CYS B 97 -6.09 -31.29 13.88
C CYS B 97 -5.13 -30.12 14.07
N VAL B 98 -5.21 -29.12 13.19
CA VAL B 98 -4.25 -28.02 13.17
C VAL B 98 -4.99 -26.69 13.05
N ARG B 99 -4.56 -25.70 13.83
CA ARG B 99 -5.03 -24.33 13.63
C ARG B 99 -4.21 -23.65 12.54
N ASP B 100 -4.91 -22.96 11.63
CA ASP B 100 -4.29 -22.04 10.68
C ASP B 100 -4.12 -20.67 11.33
N PRO B 101 -2.93 -20.07 11.29
CA PRO B 101 -2.71 -18.83 12.04
C PRO B 101 -3.68 -17.72 11.70
N THR B 102 -4.19 -17.69 10.46
CA THR B 102 -5.21 -16.74 10.01
C THR B 102 -4.77 -15.31 10.37
N GLY B 103 -3.47 -15.07 10.30
CA GLY B 103 -2.87 -13.78 10.56
C GLY B 103 -2.13 -13.69 11.87
N ASP B 104 -2.53 -14.46 12.88
CA ASP B 104 -1.88 -14.33 14.18
C ASP B 104 -0.47 -14.91 14.16
N TYR B 105 0.51 -14.06 13.88
CA TYR B 105 1.93 -14.40 14.00
C TYR B 105 2.50 -13.82 15.28
N GLY B 106 1.70 -13.82 16.34
CA GLY B 106 2.04 -13.18 17.58
C GLY B 106 1.37 -11.85 17.82
N ASP B 107 0.52 -11.39 16.90
CA ASP B 107 -0.19 -10.13 17.12
C ASP B 107 -1.71 -10.31 17.19
N PHE B 108 -2.38 -10.75 16.12
CA PHE B 108 -3.83 -10.98 16.11
C PHE B 108 -4.30 -11.53 14.78
N PRO B 109 -5.40 -12.29 14.75
CA PRO B 109 -5.89 -12.85 13.49
C PRO B 109 -6.57 -11.80 12.61
N GLU B 110 -6.63 -12.11 11.32
CA GLU B 110 -7.17 -11.23 10.30
C GLU B 110 -8.40 -11.87 9.65
N GLN B 111 -9.10 -11.08 8.84
CA GLN B 111 -10.32 -11.51 8.17
C GLN B 111 -10.23 -11.09 6.70
N ASP B 112 -9.82 -12.02 5.85
CA ASP B 112 -9.54 -11.71 4.45
C ASP B 112 -10.77 -11.75 3.55
N GLY B 113 -11.89 -12.28 4.04
CA GLY B 113 -13.07 -12.45 3.21
C GLY B 113 -13.10 -13.74 2.43
N TYR B 114 -12.06 -14.57 2.55
CA TYR B 114 -11.94 -15.86 1.87
C TYR B 114 -10.85 -16.62 2.59
N TYR B 115 -10.63 -17.86 2.20
CA TYR B 115 -9.58 -18.63 2.86
C TYR B 115 -8.21 -18.23 2.32
N TYR B 116 -7.27 -18.04 3.24
CA TYR B 116 -5.87 -17.82 2.92
C TYR B 116 -5.03 -18.73 3.81
N TYR B 117 -4.00 -19.33 3.23
CA TYR B 117 -3.15 -20.27 3.95
C TYR B 117 -2.02 -19.51 4.61
N TYR B 118 -2.13 -19.31 5.93
CA TYR B 118 -1.09 -18.65 6.72
C TYR B 118 -0.11 -19.64 7.35
N GLY B 119 -0.34 -20.93 7.21
CA GLY B 119 0.52 -21.91 7.84
C GLY B 119 -0.24 -22.87 8.74
N MET B 120 0.48 -23.53 9.65
CA MET B 120 -0.11 -24.53 10.53
C MET B 120 0.68 -24.52 11.85
N ASP B 121 0.20 -23.72 12.82
CA ASP B 121 1.02 -23.40 13.98
C ASP B 121 0.70 -24.24 15.21
N VAL B 122 -0.58 -24.51 15.51
CA VAL B 122 -0.96 -25.27 16.68
C VAL B 122 -1.51 -26.62 16.23
N TRP B 123 -0.90 -27.69 16.73
CA TRP B 123 -1.21 -29.05 16.32
C TRP B 123 -1.75 -29.85 17.48
N GLY B 124 -2.73 -30.71 17.21
CA GLY B 124 -3.12 -31.71 18.17
C GLY B 124 -2.08 -32.81 18.26
N GLN B 125 -2.23 -33.67 19.26
CA GLN B 125 -1.29 -34.78 19.41
C GLN B 125 -1.66 -35.98 18.54
N GLY B 126 -2.77 -35.92 17.83
CA GLY B 126 -3.10 -36.94 16.85
C GLY B 126 -3.99 -38.03 17.40
N THR B 127 -4.79 -38.61 16.51
CA THR B 127 -5.61 -39.77 16.83
C THR B 127 -5.51 -40.76 15.67
N THR B 128 -5.69 -42.04 15.98
CA THR B 128 -5.42 -43.13 15.04
C THR B 128 -6.73 -43.66 14.45
N VAL B 129 -6.75 -43.82 13.13
CA VAL B 129 -7.89 -44.38 12.41
C VAL B 129 -7.39 -45.51 11.52
N THR B 130 -8.02 -46.68 11.62
CA THR B 130 -7.65 -47.84 10.84
C THR B 130 -8.87 -48.37 10.10
N VAL B 131 -8.74 -48.57 8.79
CA VAL B 131 -9.78 -49.17 7.98
C VAL B 131 -9.35 -50.58 7.62
N SER B 132 -10.16 -51.57 7.98
CA SER B 132 -9.87 -52.96 7.71
C SER B 132 -11.18 -53.73 7.69
N GLN C 9 1.36 -38.27 -5.36
CA GLN C 9 2.79 -38.54 -5.43
C GLN C 9 3.60 -37.30 -5.06
N ALA C 10 3.14 -36.58 -4.02
CA ALA C 10 3.92 -35.51 -3.39
C ALA C 10 4.25 -34.40 -4.39
N VAL C 11 3.21 -33.64 -4.73
CA VAL C 11 3.26 -32.53 -5.68
C VAL C 11 4.53 -31.69 -5.52
N LEU C 12 4.98 -31.49 -4.29
CA LEU C 12 6.25 -30.80 -4.02
C LEU C 12 7.35 -31.83 -3.81
N THR C 13 8.44 -31.67 -4.56
CA THR C 13 9.53 -32.64 -4.59
C THR C 13 10.66 -32.17 -3.68
N GLN C 14 11.02 -32.99 -2.71
CA GLN C 14 12.15 -32.69 -1.85
C GLN C 14 12.89 -34.00 -1.52
N PRO C 15 14.19 -33.92 -1.24
CA PRO C 15 15.00 -35.13 -1.17
C PRO C 15 14.53 -36.03 -0.04
N PRO C 16 14.67 -37.36 -0.20
CA PRO C 16 14.13 -38.27 0.82
C PRO C 16 14.92 -38.29 2.10
N SER C 17 16.25 -38.24 2.04
CA SER C 17 17.08 -38.33 3.23
C SER C 17 18.17 -37.27 3.21
N ALA C 18 18.60 -36.88 4.41
CA ALA C 18 19.74 -36.00 4.58
C ALA C 18 20.48 -36.42 5.84
N SER C 19 21.75 -36.06 5.91
CA SER C 19 22.59 -36.46 7.03
C SER C 19 23.50 -35.31 7.41
N GLY C 20 23.91 -35.29 8.68
CA GLY C 20 24.79 -34.25 9.14
C GLY C 20 25.40 -34.56 10.49
N THR C 21 26.56 -34.01 10.75
CA THR C 21 27.33 -34.03 11.98
C THR C 21 27.12 -32.72 12.73
N PRO C 22 27.23 -32.72 14.06
CA PRO C 22 26.95 -31.51 14.83
C PRO C 22 27.81 -30.33 14.41
N GLY C 23 27.22 -29.13 14.44
CA GLY C 23 27.88 -27.91 14.05
C GLY C 23 27.72 -27.55 12.58
N GLN C 24 27.40 -28.52 11.74
CA GLN C 24 27.27 -28.34 10.30
C GLN C 24 25.98 -27.58 9.98
N ARG C 25 25.92 -27.01 8.78
CA ARG C 25 24.67 -26.59 8.19
C ARG C 25 24.23 -27.63 7.15
N VAL C 26 23.01 -28.11 7.29
CA VAL C 26 22.37 -28.92 6.25
C VAL C 26 21.36 -28.04 5.53
N THR C 27 21.20 -28.28 4.23
CA THR C 27 20.29 -27.50 3.40
C THR C 27 19.31 -28.44 2.72
N ILE C 28 18.02 -28.23 2.96
CA ILE C 28 16.96 -29.09 2.46
C ILE C 28 16.21 -28.34 1.37
N SER C 29 16.18 -28.92 0.17
CA SER C 29 15.58 -28.26 -0.98
C SER C 29 14.12 -28.68 -1.14
N CYS C 30 13.37 -27.89 -1.91
CA CYS C 30 11.95 -28.14 -2.14
C CYS C 30 11.57 -27.43 -3.44
N SER C 31 11.28 -28.21 -4.48
CA SER C 31 11.00 -27.67 -5.81
C SER C 31 9.54 -27.88 -6.15
N GLY C 32 8.89 -26.82 -6.65
CA GLY C 32 7.50 -26.86 -7.03
C GLY C 32 7.31 -26.36 -8.45
N SER C 33 6.13 -25.79 -8.70
CA SER C 33 5.76 -25.29 -10.02
C SER C 33 5.35 -23.82 -9.90
N SER C 34 5.06 -23.20 -11.05
CA SER C 34 4.56 -21.83 -11.04
C SER C 34 3.26 -21.71 -10.26
N LEU C 35 2.45 -22.77 -10.24
CA LEU C 35 1.13 -22.69 -9.67
C LEU C 35 1.10 -22.89 -8.16
N ASN C 36 2.18 -23.40 -7.56
CA ASN C 36 2.20 -23.57 -6.10
C ASN C 36 3.24 -22.71 -5.41
N ILE C 37 4.53 -22.85 -5.74
CA ILE C 37 5.56 -22.14 -5.02
C ILE C 37 5.88 -20.80 -5.66
N GLY C 38 5.92 -20.76 -7.00
CA GLY C 38 6.19 -19.50 -7.68
C GLY C 38 5.13 -18.44 -7.45
N SER C 39 3.92 -18.84 -7.05
CA SER C 39 2.82 -17.91 -6.85
C SER C 39 2.54 -17.60 -5.38
N ASN C 40 2.89 -18.49 -4.46
CA ASN C 40 2.45 -18.39 -3.08
C ASN C 40 3.62 -18.56 -2.12
N TYR C 41 3.34 -18.29 -0.85
CA TYR C 41 4.33 -18.43 0.21
C TYR C 41 4.62 -19.90 0.50
N VAL C 42 5.80 -20.16 1.06
CA VAL C 42 6.26 -21.50 1.39
C VAL C 42 6.42 -21.58 2.91
N TYR C 43 5.97 -22.70 3.48
CA TYR C 43 6.01 -22.92 4.92
C TYR C 43 6.73 -24.24 5.18
N TRP C 44 7.46 -24.28 6.30
CA TRP C 44 8.28 -25.43 6.66
C TRP C 44 7.84 -25.98 8.01
N TYR C 45 7.91 -27.30 8.15
CA TYR C 45 7.50 -27.99 9.36
C TYR C 45 8.55 -29.02 9.77
N GLN C 46 8.70 -29.20 11.07
CA GLN C 46 9.63 -30.16 11.64
C GLN C 46 8.87 -31.16 12.50
N GLN C 47 9.09 -32.45 12.26
CA GLN C 47 8.38 -33.52 12.95
C GLN C 47 9.39 -34.46 13.59
N LEU C 48 9.64 -34.28 14.88
CA LEU C 48 10.47 -35.22 15.63
C LEU C 48 9.77 -36.58 15.68
N PRO C 49 10.52 -37.67 15.84
CA PRO C 49 9.90 -39.00 15.83
C PRO C 49 8.84 -39.14 16.93
N GLY C 50 7.70 -39.71 16.55
CA GLY C 50 6.64 -39.95 17.49
C GLY C 50 5.88 -38.72 17.96
N THR C 51 6.17 -37.55 17.39
CA THR C 51 5.54 -36.31 17.80
C THR C 51 4.77 -35.71 16.63
N ALA C 52 3.98 -34.68 16.94
CA ALA C 52 3.27 -33.93 15.92
C ALA C 52 4.19 -32.91 15.26
N PRO C 53 3.92 -32.55 14.01
CA PRO C 53 4.77 -31.57 13.33
C PRO C 53 4.78 -30.23 14.04
N LYS C 54 5.94 -29.58 14.03
CA LYS C 54 6.14 -28.29 14.66
C LYS C 54 6.30 -27.21 13.60
N PHE C 55 5.62 -26.09 13.79
CA PHE C 55 5.65 -24.99 12.83
C PHE C 55 7.02 -24.33 12.87
N LEU C 56 7.71 -24.32 11.73
CA LEU C 56 9.13 -23.98 11.69
C LEU C 56 9.44 -22.69 10.93
N ILE C 57 8.88 -22.51 9.72
CA ILE C 57 9.13 -21.34 8.90
C ILE C 57 7.82 -20.93 8.24
N TYR C 58 7.56 -19.63 8.18
CA TYR C 58 6.40 -19.11 7.48
C TYR C 58 6.79 -17.91 6.61
N LYS C 59 6.02 -17.70 5.55
CA LYS C 59 6.27 -16.64 4.57
C LYS C 59 7.70 -16.68 4.06
N ASN C 60 8.19 -17.91 3.87
CA ASN C 60 9.44 -18.31 3.23
C ASN C 60 10.69 -18.02 4.06
N ASN C 61 10.61 -17.10 5.03
CA ASN C 61 11.83 -16.75 5.75
C ASN C 61 11.62 -16.27 7.18
N GLN C 62 10.49 -16.58 7.82
CA GLN C 62 10.17 -16.04 9.14
C GLN C 62 10.18 -17.14 10.18
N ARG C 63 10.88 -16.90 11.29
CA ARG C 63 10.85 -17.82 12.42
C ARG C 63 9.64 -17.52 13.29
N PRO C 64 8.82 -18.52 13.60
CA PRO C 64 7.84 -18.35 14.68
C PRO C 64 8.53 -18.14 16.01
N SER C 65 7.78 -17.59 16.96
CA SER C 65 8.34 -17.38 18.29
C SER C 65 8.82 -18.69 18.89
N GLY C 66 10.03 -18.69 19.43
CA GLY C 66 10.61 -19.87 20.02
C GLY C 66 11.33 -20.80 19.06
N VAL C 67 11.59 -20.39 17.83
CA VAL C 67 12.35 -21.17 16.87
C VAL C 67 13.72 -20.51 16.71
N PRO C 68 14.82 -21.23 16.90
CA PRO C 68 16.13 -20.59 16.98
C PRO C 68 16.57 -19.98 15.65
N ASP C 69 17.50 -19.03 15.75
CA ASP C 69 17.98 -18.29 14.59
C ASP C 69 18.62 -19.21 13.55
N ARG C 70 19.24 -20.31 14.00
CA ARG C 70 20.00 -21.17 13.09
C ARG C 70 19.12 -21.76 11.99
N PHE C 71 17.81 -21.84 12.20
CA PHE C 71 16.90 -22.16 11.11
C PHE C 71 16.64 -20.90 10.28
N SER C 72 16.85 -21.01 8.97
CA SER C 72 16.52 -19.92 8.05
C SER C 72 15.89 -20.51 6.80
N GLY C 73 15.08 -19.70 6.13
CA GLY C 73 14.41 -20.11 4.92
C GLY C 73 14.64 -19.11 3.80
N SER C 74 14.42 -19.59 2.58
CA SER C 74 14.53 -18.74 1.40
C SER C 74 13.72 -19.37 0.28
N LYS C 75 13.34 -18.54 -0.69
CA LYS C 75 12.61 -18.99 -1.87
C LYS C 75 13.24 -18.37 -3.11
N SER C 76 13.37 -19.18 -4.16
CA SER C 76 14.03 -18.77 -5.40
C SER C 76 13.17 -19.20 -6.57
N GLY C 77 12.53 -18.23 -7.23
CA GLY C 77 11.72 -18.54 -8.38
C GLY C 77 10.62 -19.51 -8.07
N THR C 78 10.78 -20.76 -8.52
CA THR C 78 9.80 -21.82 -8.28
C THR C 78 10.29 -22.85 -7.26
N SER C 79 11.41 -22.60 -6.60
CA SER C 79 11.97 -23.54 -5.64
C SER C 79 12.30 -22.83 -4.33
N ALA C 80 12.32 -23.60 -3.25
CA ALA C 80 12.59 -23.07 -1.91
C ALA C 80 13.55 -24.01 -1.19
N SER C 81 14.13 -23.52 -0.10
CA SER C 81 15.07 -24.33 0.67
C SER C 81 15.13 -23.84 2.11
N LEU C 82 15.48 -24.76 3.00
CA LEU C 82 15.60 -24.49 4.43
C LEU C 82 17.02 -24.77 4.89
N ALA C 83 17.60 -23.82 5.62
CA ALA C 83 19.01 -23.90 6.03
C ALA C 83 19.09 -24.10 7.54
N ILE C 84 19.40 -25.33 7.96
CA ILE C 84 19.57 -25.66 9.37
C ILE C 84 21.04 -25.45 9.70
N SER C 85 21.38 -24.25 10.16
CA SER C 85 22.75 -23.97 10.58
C SER C 85 22.97 -24.49 12.01
N GLY C 86 24.24 -24.66 12.36
CA GLY C 86 24.61 -25.09 13.70
C GLY C 86 23.90 -26.36 14.13
N LEU C 87 23.96 -27.39 13.29
CA LEU C 87 23.12 -28.58 13.47
C LEU C 87 23.31 -29.18 14.86
N ARG C 88 22.18 -29.46 15.50
CA ARG C 88 22.16 -30.01 16.85
C ARG C 88 21.52 -31.40 16.80
N SER C 89 21.75 -32.18 17.86
CA SER C 89 21.35 -33.59 17.84
C SER C 89 19.85 -33.76 17.68
N GLU C 90 19.06 -32.96 18.42
CA GLU C 90 17.61 -33.11 18.40
C GLU C 90 16.98 -32.65 17.09
N ASP C 91 17.75 -31.98 16.22
CA ASP C 91 17.24 -31.61 14.90
C ASP C 91 16.95 -32.82 14.03
N GLU C 92 17.43 -34.01 14.43
CA GLU C 92 17.13 -35.23 13.70
C GLU C 92 15.62 -35.47 13.67
N ALA C 93 15.01 -35.29 12.51
CA ALA C 93 13.56 -35.33 12.36
C ALA C 93 13.24 -35.33 10.87
N ASP C 94 11.95 -35.39 10.57
CA ASP C 94 11.47 -35.24 9.20
C ASP C 94 11.08 -33.78 8.99
N TYR C 95 11.53 -33.21 7.87
CA TYR C 95 11.25 -31.82 7.53
C TYR C 95 10.42 -31.78 6.25
N TYR C 96 9.30 -31.06 6.31
CA TYR C 96 8.36 -30.96 5.21
C TYR C 96 8.20 -29.51 4.78
N CYS C 97 8.24 -29.26 3.48
CA CYS C 97 7.80 -27.98 2.94
C CYS C 97 6.35 -28.08 2.52
N ALA C 98 5.65 -26.95 2.57
CA ALA C 98 4.25 -26.93 2.19
C ALA C 98 3.89 -25.55 1.65
N ALA C 99 2.92 -25.51 0.74
CA ALA C 99 2.49 -24.27 0.14
C ALA C 99 1.09 -24.45 -0.44
N TRP C 100 0.41 -23.33 -0.67
CA TRP C 100 -0.90 -23.34 -1.31
C TRP C 100 -0.73 -23.53 -2.81
N ASP C 101 -1.58 -24.38 -3.39
CA ASP C 101 -1.53 -24.69 -4.81
C ASP C 101 -2.79 -24.16 -5.49
N ASP C 102 -2.61 -23.34 -6.51
CA ASP C 102 -3.75 -22.73 -7.22
C ASP C 102 -4.32 -23.63 -8.31
N SER C 103 -3.51 -24.53 -8.88
CA SER C 103 -4.05 -25.47 -9.86
C SER C 103 -5.07 -26.40 -9.22
N LEU C 104 -4.76 -26.91 -8.04
CA LEU C 104 -5.74 -27.53 -7.16
C LEU C 104 -6.45 -26.41 -6.41
N SER C 105 -7.15 -26.71 -5.33
CA SER C 105 -7.64 -25.68 -4.44
C SER C 105 -7.35 -26.06 -3.00
N GLY C 106 -6.11 -26.47 -2.75
CA GLY C 106 -5.73 -26.90 -1.42
C GLY C 106 -4.25 -26.76 -1.17
N VAL C 107 -3.85 -27.13 0.06
CA VAL C 107 -2.45 -27.13 0.46
C VAL C 107 -1.79 -28.42 -0.02
N VAL C 108 -0.55 -28.29 -0.46
CA VAL C 108 0.25 -29.43 -0.91
C VAL C 108 1.51 -29.53 -0.07
N PHE C 109 1.91 -30.75 0.25
CA PHE C 109 3.07 -31.01 1.10
C PHE C 109 4.21 -31.57 0.27
N GLY C 110 5.42 -31.40 0.79
CA GLY C 110 6.57 -32.06 0.22
C GLY C 110 6.60 -33.53 0.58
N GLY C 111 7.57 -34.24 0.02
CA GLY C 111 7.71 -35.65 0.30
C GLY C 111 8.32 -35.99 1.63
N GLY C 112 8.87 -35.00 2.34
CA GLY C 112 9.59 -35.26 3.56
C GLY C 112 11.08 -35.46 3.33
N THR C 113 11.86 -35.20 4.37
CA THR C 113 13.31 -35.37 4.31
C THR C 113 13.77 -35.91 5.67
N LYS C 114 14.04 -37.22 5.73
CA LYS C 114 14.54 -37.84 6.94
C LYS C 114 15.98 -37.38 7.18
N LEU C 115 16.16 -36.50 8.15
CA LEU C 115 17.48 -35.94 8.44
C LEU C 115 18.09 -36.68 9.63
N THR C 116 19.22 -37.32 9.39
CA THR C 116 19.92 -38.07 10.43
C THR C 116 21.07 -37.24 10.97
N VAL C 117 21.26 -37.29 12.29
CA VAL C 117 22.36 -36.62 12.97
C VAL C 117 23.29 -37.69 13.52
N LEU C 118 24.59 -37.53 13.24
CA LEU C 118 25.56 -38.58 13.50
C LEU C 118 26.06 -38.57 14.95
#